data_4CW7
#
_entry.id   4CW7
#
_cell.length_a   125.046
_cell.length_b   143.079
_cell.length_c   83.786
_cell.angle_alpha   90.00
_cell.angle_beta   90.00
_cell.angle_gamma   90.00
#
_symmetry.space_group_name_H-M   'P 21 21 2'
#
loop_
_entity.id
_entity.type
_entity.pdbx_description
1 polymer 'PUTATIVE ADENYLATE KINASE'
2 polymer '30S RIBOSOMAL PROTEIN S11'
3 non-polymer "ADENOSINE-5'-TRIPHOSPHATE"
4 non-polymer 'MAGNESIUM ION'
5 non-polymer "ADENOSINE-5'-DIPHOSPHATE"
6 water water
#
loop_
_entity_poly.entity_id
_entity_poly.type
_entity_poly.pdbx_seq_one_letter_code
_entity_poly.pdbx_strand_id
1 'polypeptide(L)'
;MKHHHHHHAMGMLIAITGTPGVGKTTIAKLLAEKLGYEYVNLRDFALEKGCGREVDGEVEVEIDELAYFVEKELKDRNVV
LDGHLSHLMPVDLVVVLRAHPRIIGERLRERGYSKEKIGENVEAELVDAILIEAIDEHENVIEVDTTNKTPEEIVEEIIG
LIKSGVKRRVGIVDWSEVYDEIIPYLRLGGE
;
A,C,E,G
2 'polypeptide(L)'
;MSEEQVNIKKKEKWGIAHIYSSYNNTIIHITDITGAETISRWSGGMVVKADRDEPSPYAAMLAARRAAEEALEKGIVGVH
IRVRAPGGSKSKTPGPGAQAAIRALARAGLKIGRVEDVTPIPHDGTRPKGGRRGRRV
;
B,D,F,H
#
loop_
_chem_comp.id
_chem_comp.type
_chem_comp.name
_chem_comp.formula
ADP non-polymer ADENOSINE-5'-DIPHOSPHATE 'C10 H15 N5 O10 P2'
ATP non-polymer ADENOSINE-5'-TRIPHOSPHATE 'C10 H16 N5 O13 P3'
MG non-polymer 'MAGNESIUM ION' 'Mg 2'
#
# COMPACT_ATOMS: atom_id res chain seq x y z
N MET A 10 37.54 7.70 -13.79
CA MET A 10 37.91 6.32 -14.12
C MET A 10 36.91 5.32 -13.55
N GLY A 11 35.67 5.42 -14.01
CA GLY A 11 34.63 4.53 -13.54
C GLY A 11 34.44 3.29 -14.39
N MET A 12 33.84 2.27 -13.78
CA MET A 12 33.52 1.02 -14.45
C MET A 12 32.02 0.77 -14.38
N LEU A 13 31.35 0.82 -15.52
CA LEU A 13 29.91 0.64 -15.58
C LEU A 13 29.55 -0.69 -16.25
N ILE A 14 28.97 -1.61 -15.48
CA ILE A 14 28.66 -2.94 -16.00
C ILE A 14 27.15 -3.17 -16.11
N ALA A 15 26.69 -3.53 -17.30
CA ALA A 15 25.27 -3.82 -17.52
C ALA A 15 24.99 -5.30 -17.38
N ILE A 16 23.93 -5.63 -16.64
CA ILE A 16 23.48 -7.00 -16.53
C ILE A 16 22.12 -7.15 -17.20
N THR A 17 22.08 -7.84 -18.33
CA THR A 17 20.84 -7.94 -19.09
C THR A 17 20.49 -9.39 -19.46
N GLY A 18 19.32 -9.57 -20.06
CA GLY A 18 18.86 -10.87 -20.50
C GLY A 18 17.35 -10.94 -20.40
N THR A 19 16.79 -12.05 -20.88
CA THR A 19 15.34 -12.24 -20.89
C THR A 19 14.77 -12.15 -19.47
N PRO A 20 13.60 -11.49 -19.32
CA PRO A 20 12.93 -11.44 -18.02
C PRO A 20 12.81 -12.82 -17.39
N GLY A 21 13.21 -12.95 -16.12
CA GLY A 21 13.16 -14.22 -15.42
C GLY A 21 14.49 -14.95 -15.41
N VAL A 22 15.47 -14.47 -16.17
CA VAL A 22 16.74 -15.16 -16.32
C VAL A 22 17.65 -15.03 -15.08
N GLY A 23 17.31 -14.11 -14.17
CA GLY A 23 18.13 -13.87 -13.01
C GLY A 23 18.97 -12.60 -12.98
N LYS A 24 18.65 -11.63 -13.84
CA LYS A 24 19.37 -10.36 -13.87
C LYS A 24 19.54 -9.73 -12.48
N THR A 25 18.45 -9.63 -11.71
CA THR A 25 18.49 -8.92 -10.43
C THR A 25 19.30 -9.69 -9.37
N THR A 26 19.02 -10.98 -9.27
CA THR A 26 19.78 -11.86 -8.38
C THR A 26 21.29 -11.75 -8.62
N ILE A 27 21.67 -11.97 -9.87
CA ILE A 27 23.07 -11.99 -10.27
C ILE A 27 23.71 -10.61 -10.13
N ALA A 28 22.99 -9.56 -10.48
CA ALA A 28 23.54 -8.20 -10.40
C ALA A 28 23.82 -7.83 -8.96
N LYS A 29 22.90 -8.16 -8.06
CA LYS A 29 23.10 -7.85 -6.64
C LYS A 29 24.31 -8.59 -6.09
N LEU A 30 24.37 -9.91 -6.35
CA LEU A 30 25.49 -10.70 -5.84
C LEU A 30 26.83 -10.22 -6.44
N LEU A 31 26.82 -9.86 -7.72
CA LEU A 31 28.02 -9.41 -8.43
C LEU A 31 28.52 -8.07 -7.90
N ALA A 32 27.60 -7.13 -7.65
CA ALA A 32 27.97 -5.84 -7.09
C ALA A 32 28.56 -6.07 -5.71
N GLU A 33 28.00 -7.02 -4.98
CA GLU A 33 28.55 -7.35 -3.66
C GLU A 33 29.97 -7.88 -3.76
N LYS A 34 30.21 -8.81 -4.68
CA LYS A 34 31.53 -9.43 -4.79
C LYS A 34 32.60 -8.51 -5.38
N LEU A 35 32.21 -7.59 -6.26
CA LEU A 35 33.15 -6.68 -6.89
C LEU A 35 33.45 -5.47 -6.01
N GLY A 36 32.58 -5.23 -5.02
CA GLY A 36 32.66 -4.04 -4.20
C GLY A 36 32.12 -2.84 -4.97
N TYR A 37 31.35 -3.13 -6.02
CA TYR A 37 30.67 -2.09 -6.78
C TYR A 37 29.34 -1.77 -6.14
N GLU A 38 28.62 -0.79 -6.68
CA GLU A 38 27.30 -0.50 -6.15
C GLU A 38 26.21 -0.90 -7.15
N TYR A 39 25.13 -1.46 -6.60
CA TYR A 39 24.01 -1.96 -7.38
C TYR A 39 23.06 -0.83 -7.79
N VAL A 40 22.68 -0.81 -9.06
CA VAL A 40 21.63 0.13 -9.49
C VAL A 40 20.60 -0.54 -10.39
N ASN A 41 19.33 -0.53 -9.99
CA ASN A 41 18.26 -1.04 -10.84
C ASN A 41 17.81 0.03 -11.84
N LEU A 42 17.90 -0.27 -13.13
CA LEU A 42 17.68 0.73 -14.18
C LEU A 42 16.28 1.34 -14.15
N ARG A 43 15.28 0.51 -13.87
CA ARG A 43 13.90 0.97 -13.76
C ARG A 43 13.77 2.01 -12.64
N ASP A 44 14.24 1.61 -11.46
CA ASP A 44 14.16 2.45 -10.28
C ASP A 44 14.94 3.74 -10.49
N PHE A 45 16.11 3.63 -11.14
CA PHE A 45 16.90 4.80 -11.48
C PHE A 45 16.12 5.75 -12.38
N ALA A 46 15.39 5.16 -13.34
CA ALA A 46 14.58 5.95 -14.26
C ALA A 46 13.49 6.70 -13.51
N LEU A 47 12.89 6.04 -12.52
CA LEU A 47 11.88 6.71 -11.70
C LEU A 47 12.49 7.81 -10.84
N GLU A 48 13.66 7.54 -10.27
CA GLU A 48 14.33 8.49 -9.39
C GLU A 48 14.71 9.76 -10.13
N LYS A 49 15.20 9.61 -11.36
CA LYS A 49 15.62 10.78 -12.11
C LYS A 49 14.47 11.36 -12.92
N GLY A 50 13.33 10.67 -12.90
CA GLY A 50 12.11 11.20 -13.49
C GLY A 50 11.94 10.98 -14.99
N CYS A 51 12.78 10.14 -15.60
CA CYS A 51 12.61 9.84 -17.02
C CYS A 51 11.38 8.98 -17.16
N GLY A 52 11.32 8.00 -16.27
CA GLY A 52 10.24 7.04 -16.21
C GLY A 52 8.95 7.56 -15.61
N ARG A 53 7.83 7.24 -16.25
CA ARG A 53 6.55 7.49 -15.62
C ARG A 53 5.86 6.16 -15.49
N GLU A 54 5.40 5.89 -14.27
CA GLU A 54 4.85 4.58 -13.98
C GLU A 54 3.34 4.55 -14.18
N VAL A 55 2.94 3.83 -15.21
CA VAL A 55 1.54 3.67 -15.54
C VAL A 55 1.13 2.19 -15.54
N ASP A 56 0.37 1.82 -14.51
CA ASP A 56 -0.42 0.58 -14.40
C ASP A 56 0.17 -0.73 -14.96
N GLY A 57 1.20 -1.30 -14.33
CA GLY A 57 2.01 -0.69 -13.30
C GLY A 57 3.39 -0.44 -13.88
N GLU A 58 3.45 -0.46 -15.21
CA GLU A 58 4.70 -0.40 -15.96
C GLU A 58 5.35 0.98 -15.97
N VAL A 59 6.66 0.99 -16.19
CA VAL A 59 7.44 2.21 -16.21
C VAL A 59 7.84 2.54 -17.65
N GLU A 60 7.34 3.66 -18.17
CA GLU A 60 7.63 4.05 -19.54
C GLU A 60 8.75 5.07 -19.56
N VAL A 61 9.74 4.84 -20.42
CA VAL A 61 10.87 5.77 -20.56
C VAL A 61 11.26 6.07 -22.00
N GLU A 62 12.07 7.12 -22.14
CA GLU A 62 12.65 7.50 -23.40
C GLU A 62 14.10 7.07 -23.37
N ILE A 63 14.49 6.17 -24.28
CA ILE A 63 15.80 5.53 -24.21
C ILE A 63 16.96 6.53 -24.22
N ASP A 64 16.90 7.47 -25.16
CA ASP A 64 17.96 8.48 -25.29
C ASP A 64 18.09 9.33 -24.03
N GLU A 65 16.95 9.70 -23.44
CA GLU A 65 16.90 10.48 -22.21
C GLU A 65 17.52 9.72 -21.04
N LEU A 66 17.11 8.46 -20.91
CA LEU A 66 17.63 7.60 -19.85
C LEU A 66 19.13 7.41 -20.00
N ALA A 67 19.58 7.30 -21.25
CA ALA A 67 20.99 7.17 -21.58
C ALA A 67 21.74 8.42 -21.15
N TYR A 68 21.13 9.58 -21.40
CA TYR A 68 21.66 10.86 -20.96
C TYR A 68 21.88 10.88 -19.45
N PHE A 69 20.86 10.48 -18.71
CA PHE A 69 20.97 10.45 -17.26
C PHE A 69 22.02 9.44 -16.75
N VAL A 70 22.06 8.27 -17.36
CA VAL A 70 23.04 7.25 -16.98
C VAL A 70 24.45 7.82 -17.19
N GLU A 71 24.65 8.47 -18.32
CA GLU A 71 25.91 9.12 -18.66
C GLU A 71 26.30 10.17 -17.62
N LYS A 72 25.33 11.00 -17.22
CA LYS A 72 25.59 12.07 -16.26
C LYS A 72 25.89 11.58 -14.83
N GLU A 73 24.99 10.75 -14.32
CA GLU A 73 24.97 10.37 -12.92
C GLU A 73 25.94 9.24 -12.55
N LEU A 74 26.05 8.25 -13.43
CA LEU A 74 26.81 7.03 -13.11
C LEU A 74 28.24 7.01 -13.66
N LYS A 75 28.69 8.09 -14.29
CA LYS A 75 29.94 8.08 -15.06
C LYS A 75 31.18 7.77 -14.23
N ASP A 76 31.34 8.52 -13.14
CA ASP A 76 32.55 8.50 -12.32
C ASP A 76 32.46 7.48 -11.20
N ARG A 77 31.64 6.46 -11.38
CA ARG A 77 31.40 5.50 -10.32
C ARG A 77 31.61 4.06 -10.78
N ASN A 78 31.56 3.13 -9.84
CA ASN A 78 31.63 1.71 -10.16
C ASN A 78 30.29 1.09 -9.88
N VAL A 79 29.58 0.75 -10.94
CA VAL A 79 28.17 0.42 -10.85
C VAL A 79 27.83 -0.83 -11.63
N VAL A 80 27.06 -1.71 -11.01
CA VAL A 80 26.46 -2.83 -11.72
C VAL A 80 25.02 -2.43 -12.04
N LEU A 81 24.73 -2.31 -13.33
CA LEU A 81 23.44 -1.79 -13.76
C LEU A 81 22.52 -2.93 -14.17
N ASP A 82 21.38 -3.03 -13.49
CA ASP A 82 20.45 -4.14 -13.64
C ASP A 82 19.19 -3.70 -14.38
N GLY A 83 18.98 -4.30 -15.55
CA GLY A 83 17.74 -4.14 -16.28
C GLY A 83 17.85 -4.79 -17.64
N HIS A 84 16.70 -5.11 -18.24
CA HIS A 84 16.71 -5.74 -19.56
C HIS A 84 16.87 -4.70 -20.66
N LEU A 85 16.86 -3.42 -20.29
CA LEU A 85 17.23 -2.33 -21.18
C LEU A 85 18.67 -1.84 -20.93
N SER A 86 19.35 -2.44 -19.95
CA SER A 86 20.65 -1.90 -19.52
C SER A 86 21.68 -1.91 -20.64
N HIS A 87 21.53 -2.85 -21.58
CA HIS A 87 22.50 -2.98 -22.66
C HIS A 87 22.37 -1.87 -23.70
N LEU A 88 21.26 -1.13 -23.66
CA LEU A 88 21.05 0.01 -24.55
C LEU A 88 21.62 1.29 -23.96
N MET A 89 22.15 1.18 -22.75
CA MET A 89 22.75 2.31 -22.07
C MET A 89 24.24 2.42 -22.43
N PRO A 90 24.82 3.62 -22.26
CA PRO A 90 26.25 3.77 -22.57
C PRO A 90 27.13 3.16 -21.48
N VAL A 91 27.20 1.83 -21.40
CA VAL A 91 28.02 1.22 -20.36
C VAL A 91 29.38 0.82 -20.92
N ASP A 92 30.27 0.39 -20.03
CA ASP A 92 31.60 -0.06 -20.43
C ASP A 92 31.62 -1.54 -20.84
N LEU A 93 30.79 -2.33 -20.18
CA LEU A 93 30.74 -3.77 -20.40
C LEU A 93 29.31 -4.27 -20.28
N VAL A 94 28.93 -5.19 -21.16
CA VAL A 94 27.58 -5.75 -21.12
C VAL A 94 27.67 -7.23 -20.80
N VAL A 95 26.94 -7.66 -19.78
CA VAL A 95 26.84 -9.10 -19.52
C VAL A 95 25.44 -9.58 -19.86
N VAL A 96 25.37 -10.52 -20.80
CA VAL A 96 24.08 -11.09 -21.18
C VAL A 96 23.91 -12.46 -20.53
N LEU A 97 22.91 -12.55 -19.66
CA LEU A 97 22.61 -13.81 -19.01
C LEU A 97 21.66 -14.61 -19.90
N ARG A 98 21.95 -15.90 -20.04
CA ARG A 98 21.11 -16.80 -20.81
C ARG A 98 20.65 -17.92 -19.90
N ALA A 99 19.50 -18.50 -20.22
CA ALA A 99 19.03 -19.69 -19.52
C ALA A 99 18.19 -20.52 -20.47
N HIS A 100 18.17 -21.82 -20.24
CA HIS A 100 17.31 -22.73 -20.99
C HIS A 100 15.88 -22.19 -20.97
N PRO A 101 15.27 -22.02 -22.15
CA PRO A 101 13.95 -21.37 -22.27
C PRO A 101 12.87 -22.04 -21.42
N ARG A 102 13.05 -23.32 -21.09
CA ARG A 102 12.13 -24.02 -20.20
C ARG A 102 12.15 -23.37 -18.82
N ILE A 103 13.34 -22.99 -18.36
CA ILE A 103 13.51 -22.35 -17.06
C ILE A 103 12.82 -20.98 -17.03
N ILE A 104 13.00 -20.21 -18.11
CA ILE A 104 12.28 -18.96 -18.32
C ILE A 104 10.77 -19.21 -18.21
N GLY A 105 10.31 -20.26 -18.88
CA GLY A 105 8.91 -20.62 -18.88
C GLY A 105 8.35 -20.90 -17.49
N GLU A 106 9.04 -21.76 -16.74
CA GLU A 106 8.63 -22.12 -15.39
C GLU A 106 8.60 -20.89 -14.48
N ARG A 107 9.67 -20.10 -14.52
CA ARG A 107 9.79 -18.92 -13.66
C ARG A 107 8.75 -17.86 -13.97
N LEU A 108 8.44 -17.66 -15.25
CA LEU A 108 7.43 -16.66 -15.57
C LEU A 108 6.03 -17.20 -15.26
N ARG A 109 5.89 -18.52 -15.29
CA ARG A 109 4.62 -19.15 -14.96
C ARG A 109 4.34 -19.01 -13.46
N GLU A 110 5.35 -19.22 -12.63
CA GLU A 110 5.17 -19.07 -11.18
C GLU A 110 4.89 -17.60 -10.80
N ARG A 111 5.31 -16.67 -11.65
CA ARG A 111 5.00 -15.25 -11.47
C ARG A 111 3.52 -14.97 -11.79
N GLY A 112 2.89 -15.89 -12.51
CA GLY A 112 1.49 -15.78 -12.86
C GLY A 112 1.20 -15.09 -14.18
N TYR A 113 2.20 -15.01 -15.05
CA TYR A 113 2.01 -14.39 -16.35
C TYR A 113 1.01 -15.14 -17.25
N SER A 114 0.44 -14.43 -18.21
CA SER A 114 -0.44 -15.07 -19.20
C SER A 114 0.39 -15.99 -20.11
N LYS A 115 -0.30 -16.91 -20.77
CA LYS A 115 0.34 -17.83 -21.70
C LYS A 115 1.08 -17.06 -22.80
N GLU A 116 0.47 -15.99 -23.29
CA GLU A 116 1.06 -15.21 -24.37
C GLU A 116 2.36 -14.51 -23.98
N LYS A 117 2.38 -13.97 -22.77
CA LYS A 117 3.51 -13.18 -22.25
C LYS A 117 4.69 -14.10 -21.92
N ILE A 118 4.37 -15.21 -21.26
CA ILE A 118 5.34 -16.29 -21.03
C ILE A 118 5.93 -16.74 -22.36
N GLY A 119 5.06 -17.03 -23.31
CA GLY A 119 5.48 -17.51 -24.62
C GLY A 119 6.38 -16.56 -25.35
N GLU A 120 6.03 -15.28 -25.30
CA GLU A 120 6.81 -14.27 -26.00
C GLU A 120 8.21 -14.15 -25.38
N ASN A 121 8.29 -14.20 -24.06
CA ASN A 121 9.62 -14.09 -23.43
C ASN A 121 10.46 -15.35 -23.65
N VAL A 122 9.80 -16.50 -23.65
CA VAL A 122 10.47 -17.77 -23.94
C VAL A 122 11.03 -17.76 -25.36
N GLU A 123 10.23 -17.30 -26.32
CA GLU A 123 10.70 -17.20 -27.71
C GLU A 123 11.84 -16.19 -27.79
N ALA A 124 11.74 -15.12 -26.98
CA ALA A 124 12.76 -14.08 -26.97
C ALA A 124 14.10 -14.65 -26.56
N GLU A 125 14.07 -15.57 -25.60
CA GLU A 125 15.30 -16.24 -25.18
C GLU A 125 15.76 -17.22 -26.24
N LEU A 126 14.80 -17.92 -26.86
CA LEU A 126 15.11 -18.87 -27.91
C LEU A 126 15.85 -18.22 -29.08
N VAL A 127 15.42 -17.03 -29.49
CA VAL A 127 16.00 -16.40 -30.68
C VAL A 127 17.13 -15.41 -30.36
N ASP A 128 17.56 -15.37 -29.10
CA ASP A 128 18.70 -14.53 -28.69
C ASP A 128 18.45 -13.03 -28.88
N ALA A 129 17.22 -12.57 -28.64
CA ALA A 129 16.84 -11.18 -28.93
C ALA A 129 17.72 -10.14 -28.24
N ILE A 130 17.82 -10.27 -26.91
CA ILE A 130 18.62 -9.35 -26.13
C ILE A 130 20.07 -9.38 -26.58
N LEU A 131 20.63 -10.56 -26.76
CA LEU A 131 22.01 -10.70 -27.20
C LEU A 131 22.26 -9.97 -28.53
N ILE A 132 21.34 -10.13 -29.48
CA ILE A 132 21.46 -9.46 -30.78
C ILE A 132 21.48 -7.94 -30.58
N GLU A 133 20.58 -7.43 -29.74
CA GLU A 133 20.61 -5.99 -29.41
C GLU A 133 21.94 -5.56 -28.81
N ALA A 134 22.42 -6.32 -27.82
CA ALA A 134 23.65 -5.98 -27.10
C ALA A 134 24.85 -5.94 -28.03
N ILE A 135 24.99 -6.98 -28.84
CA ILE A 135 26.09 -7.06 -29.80
C ILE A 135 26.02 -5.91 -30.79
N ASP A 136 24.81 -5.52 -31.18
CA ASP A 136 24.63 -4.39 -32.08
C ASP A 136 25.08 -3.09 -31.42
N GLU A 137 24.82 -2.96 -30.12
CA GLU A 137 25.14 -1.74 -29.37
C GLU A 137 26.58 -1.61 -28.89
N HIS A 138 27.18 -2.72 -28.50
CA HIS A 138 28.50 -2.64 -27.86
C HIS A 138 29.47 -3.68 -28.37
N GLU A 139 30.75 -3.36 -28.32
CA GLU A 139 31.78 -4.32 -28.68
C GLU A 139 32.03 -5.29 -27.53
N ASN A 140 31.97 -4.80 -26.30
CA ASN A 140 32.30 -5.68 -25.19
C ASN A 140 31.05 -6.32 -24.63
N VAL A 141 30.87 -7.60 -24.95
CA VAL A 141 29.69 -8.32 -24.54
C VAL A 141 30.10 -9.73 -24.11
N ILE A 142 29.75 -10.08 -22.87
CA ILE A 142 30.07 -11.37 -22.32
C ILE A 142 28.80 -12.15 -22.02
N GLU A 143 28.67 -13.28 -22.69
CA GLU A 143 27.49 -14.13 -22.59
C GLU A 143 27.74 -15.19 -21.54
N VAL A 144 26.76 -15.45 -20.68
CA VAL A 144 26.92 -16.45 -19.63
C VAL A 144 25.68 -17.35 -19.53
N ASP A 145 25.89 -18.68 -19.60
CA ASP A 145 24.79 -19.62 -19.45
C ASP A 145 24.57 -19.91 -17.97
N THR A 146 23.38 -19.60 -17.48
CA THR A 146 23.04 -19.76 -16.07
C THR A 146 22.46 -21.12 -15.74
N THR A 147 22.18 -21.91 -16.76
CA THR A 147 21.50 -23.19 -16.61
C THR A 147 22.24 -24.12 -15.66
N ASN A 148 21.54 -24.61 -14.65
CA ASN A 148 22.10 -25.53 -13.64
C ASN A 148 23.30 -24.97 -12.87
N LYS A 149 23.34 -23.65 -12.73
CA LYS A 149 24.40 -23.01 -11.95
C LYS A 149 23.77 -22.20 -10.82
N THR A 150 24.50 -22.07 -9.72
CA THR A 150 24.08 -21.24 -8.61
C THR A 150 24.50 -19.81 -8.89
N PRO A 151 23.84 -18.84 -8.23
CA PRO A 151 24.25 -17.43 -8.36
C PRO A 151 25.72 -17.23 -8.00
N GLU A 152 26.22 -18.02 -7.04
CA GLU A 152 27.60 -17.91 -6.60
C GLU A 152 28.52 -18.30 -7.76
N GLU A 153 28.24 -19.45 -8.36
CA GLU A 153 29.02 -19.96 -9.48
C GLU A 153 28.98 -19.04 -10.70
N ILE A 154 27.81 -18.46 -10.97
CA ILE A 154 27.65 -17.54 -12.09
C ILE A 154 28.48 -16.28 -11.88
N VAL A 155 28.38 -15.71 -10.67
CA VAL A 155 29.13 -14.52 -10.35
C VAL A 155 30.64 -14.79 -10.42
N GLU A 156 31.09 -15.94 -9.90
CA GLU A 156 32.52 -16.25 -10.00
C GLU A 156 32.96 -16.45 -11.45
N GLU A 157 32.09 -17.03 -12.26
CA GLU A 157 32.38 -17.19 -13.70
C GLU A 157 32.60 -15.82 -14.35
N ILE A 158 31.68 -14.91 -14.06
CA ILE A 158 31.74 -13.55 -14.59
C ILE A 158 33.01 -12.82 -14.14
N ILE A 159 33.27 -12.83 -12.85
CA ILE A 159 34.44 -12.17 -12.28
C ILE A 159 35.72 -12.76 -12.89
N GLY A 160 35.74 -14.08 -13.02
CA GLY A 160 36.85 -14.78 -13.63
C GLY A 160 37.10 -14.27 -15.04
N LEU A 161 36.02 -14.10 -15.79
CA LEU A 161 36.13 -13.59 -17.15
C LEU A 161 36.66 -12.15 -17.17
N ILE A 162 36.21 -11.32 -16.23
CA ILE A 162 36.67 -9.94 -16.18
C ILE A 162 38.15 -9.82 -15.81
N LYS A 163 38.60 -10.66 -14.88
CA LYS A 163 39.99 -10.62 -14.42
C LYS A 163 40.99 -11.21 -15.42
N SER A 164 40.50 -11.94 -16.41
CA SER A 164 41.38 -12.64 -17.35
C SER A 164 42.19 -11.77 -18.33
N GLY A 165 41.71 -10.61 -18.77
CA GLY A 165 40.30 -10.28 -18.87
C GLY A 165 39.81 -10.61 -20.26
N VAL A 166 38.56 -11.01 -20.36
CA VAL A 166 37.96 -11.28 -21.64
C VAL A 166 36.87 -10.23 -21.81
N LYS A 167 36.98 -9.39 -22.83
CA LYS A 167 35.96 -8.38 -23.06
C LYS A 167 34.80 -8.83 -23.94
N ARG A 168 35.00 -9.87 -24.74
CA ARG A 168 33.93 -10.35 -25.59
C ARG A 168 33.87 -11.87 -25.68
N ARG A 169 32.74 -12.45 -25.27
CA ARG A 169 32.44 -13.85 -25.55
C ARG A 169 30.97 -14.03 -25.90
N VAL A 170 30.68 -14.46 -27.13
CA VAL A 170 29.30 -14.64 -27.58
C VAL A 170 29.15 -15.94 -28.37
N GLY A 171 27.92 -16.45 -28.45
CA GLY A 171 27.63 -17.63 -29.24
C GLY A 171 27.80 -18.91 -28.46
N ILE A 172 27.67 -18.85 -27.14
CA ILE A 172 27.95 -20.00 -26.30
C ILE A 172 26.73 -20.90 -26.07
N VAL A 173 25.55 -20.42 -26.44
CA VAL A 173 24.36 -21.27 -26.39
C VAL A 173 23.59 -21.26 -27.70
N ASP A 174 23.05 -22.42 -28.05
CA ASP A 174 22.11 -22.53 -29.16
C ASP A 174 20.87 -23.26 -28.67
N TRP A 175 19.76 -22.56 -28.54
CA TRP A 175 18.60 -23.17 -27.91
C TRP A 175 17.75 -23.95 -28.92
N SER A 176 18.10 -23.84 -30.20
CA SER A 176 17.44 -24.62 -31.23
C SER A 176 17.61 -26.11 -30.91
N GLU A 177 18.77 -26.42 -30.33
CA GLU A 177 19.12 -27.78 -29.93
C GLU A 177 18.13 -28.36 -28.91
N VAL A 178 17.55 -27.51 -28.08
CA VAL A 178 16.55 -27.96 -27.11
C VAL A 178 15.09 -27.68 -27.54
N TYR A 179 14.88 -27.27 -28.80
CA TYR A 179 13.55 -26.77 -29.23
C TYR A 179 12.34 -27.60 -28.77
N ASP A 180 12.40 -28.92 -28.98
CA ASP A 180 11.27 -29.77 -28.62
C ASP A 180 10.89 -29.63 -27.14
N GLU A 181 11.90 -29.56 -26.28
CA GLU A 181 11.69 -29.47 -24.85
C GLU A 181 10.88 -28.24 -24.47
N ILE A 182 10.98 -27.19 -25.28
CA ILE A 182 10.30 -25.95 -24.93
C ILE A 182 8.97 -25.77 -25.67
N ILE A 183 8.58 -26.77 -26.47
CA ILE A 183 7.33 -26.65 -27.24
C ILE A 183 6.07 -26.31 -26.41
N PRO A 184 5.91 -26.91 -25.20
CA PRO A 184 4.72 -26.54 -24.43
C PRO A 184 4.59 -25.05 -24.08
N TYR A 185 5.70 -24.31 -24.04
CA TYR A 185 5.65 -22.90 -23.69
C TYR A 185 5.48 -21.95 -24.89
N LEU A 186 5.69 -22.45 -26.11
CA LEU A 186 5.68 -21.59 -27.30
C LEU A 186 4.26 -21.22 -27.73
N ARG A 187 4.11 -20.18 -28.53
CA ARG A 187 2.79 -19.81 -29.00
C ARG A 187 2.62 -20.40 -30.38
N LEU A 188 2.02 -21.60 -30.42
CA LEU A 188 1.90 -22.34 -31.67
C LEU A 188 0.47 -22.38 -32.21
N GLY A 189 -0.47 -21.80 -31.45
CA GLY A 189 -1.87 -21.98 -31.75
C GLY A 189 -2.37 -21.21 -32.96
N GLY A 190 -3.22 -21.85 -33.76
CA GLY A 190 -3.82 -21.23 -34.92
C GLY A 190 -4.90 -20.23 -34.57
N GLU B 12 -8.14 -29.12 -49.63
CA GLU B 12 -6.70 -29.25 -49.45
C GLU B 12 -6.33 -28.91 -48.01
N LYS B 13 -5.32 -29.60 -47.47
CA LYS B 13 -4.97 -29.41 -46.06
C LYS B 13 -3.88 -28.36 -45.87
N TRP B 14 -4.12 -27.43 -44.94
CA TRP B 14 -3.20 -26.33 -44.67
C TRP B 14 -2.55 -26.47 -43.30
N GLY B 15 -1.27 -26.11 -43.24
CA GLY B 15 -0.53 -26.03 -41.99
C GLY B 15 -0.12 -24.62 -41.61
N ILE B 16 0.74 -24.53 -40.59
CA ILE B 16 1.35 -23.28 -40.16
C ILE B 16 2.86 -23.48 -40.08
N ALA B 17 3.63 -22.61 -40.74
CA ALA B 17 5.08 -22.69 -40.68
C ALA B 17 5.64 -21.65 -39.72
N HIS B 18 6.18 -22.14 -38.60
CA HIS B 18 6.82 -21.27 -37.63
C HIS B 18 8.31 -21.14 -37.95
N ILE B 19 8.74 -19.91 -38.21
CA ILE B 19 10.11 -19.67 -38.66
C ILE B 19 10.85 -18.81 -37.65
N TYR B 20 11.96 -19.33 -37.13
CA TYR B 20 12.74 -18.65 -36.10
C TYR B 20 14.13 -18.34 -36.60
N SER B 21 14.50 -17.06 -36.61
CA SER B 21 15.85 -16.67 -36.98
C SER B 21 16.56 -16.20 -35.72
N SER B 22 17.58 -16.93 -35.30
CA SER B 22 18.32 -16.54 -34.10
C SER B 22 19.74 -16.14 -34.46
N TYR B 23 20.54 -15.84 -33.45
CA TYR B 23 21.94 -15.52 -33.68
C TYR B 23 22.71 -16.75 -34.15
N ASN B 24 22.41 -17.90 -33.56
CA ASN B 24 23.16 -19.13 -33.83
C ASN B 24 22.56 -20.13 -34.82
N ASN B 25 21.34 -19.91 -35.28
CA ASN B 25 20.63 -20.94 -36.03
C ASN B 25 19.35 -20.42 -36.69
N THR B 26 18.67 -21.33 -37.39
CA THR B 26 17.35 -21.04 -37.94
C THR B 26 16.47 -22.28 -37.73
N ILE B 27 15.20 -22.08 -37.35
CA ILE B 27 14.27 -23.18 -37.15
C ILE B 27 13.01 -23.04 -38.00
N ILE B 28 12.63 -24.12 -38.66
CA ILE B 28 11.35 -24.19 -39.35
C ILE B 28 10.54 -25.34 -38.77
N HIS B 29 9.45 -24.98 -38.09
CA HIS B 29 8.57 -25.95 -37.45
C HIS B 29 7.18 -25.83 -38.04
N ILE B 30 6.78 -26.83 -38.80
CA ILE B 30 5.50 -26.84 -39.45
C ILE B 30 4.53 -27.70 -38.62
N THR B 31 3.42 -27.07 -38.22
CA THR B 31 2.37 -27.76 -37.48
C THR B 31 1.07 -27.72 -38.29
N ASP B 32 0.02 -28.33 -37.77
CA ASP B 32 -1.30 -28.20 -38.38
C ASP B 32 -1.91 -26.86 -37.97
N ILE B 33 -3.11 -26.57 -38.48
CA ILE B 33 -3.76 -25.30 -38.20
C ILE B 33 -4.05 -25.14 -36.70
N THR B 34 -4.34 -26.24 -36.01
CA THR B 34 -4.63 -26.19 -34.59
C THR B 34 -3.34 -25.93 -33.80
N GLY B 35 -2.21 -26.38 -34.35
CA GLY B 35 -0.92 -26.20 -33.72
C GLY B 35 -0.55 -27.30 -32.76
N ALA B 36 -1.44 -28.28 -32.64
CA ALA B 36 -1.24 -29.39 -31.72
C ALA B 36 -0.32 -30.48 -32.29
N GLU B 37 -0.37 -30.68 -33.60
CA GLU B 37 0.37 -31.75 -34.26
C GLU B 37 1.57 -31.20 -35.02
N THR B 38 2.72 -31.84 -34.88
CA THR B 38 3.92 -31.44 -35.59
C THR B 38 4.03 -32.16 -36.93
N ILE B 39 3.96 -31.40 -38.03
CA ILE B 39 4.13 -31.96 -39.36
C ILE B 39 5.62 -32.19 -39.68
N SER B 40 6.44 -31.16 -39.43
CA SER B 40 7.88 -31.29 -39.67
C SER B 40 8.68 -30.33 -38.79
N ARG B 41 9.88 -30.73 -38.37
CA ARG B 41 10.73 -29.84 -37.57
C ARG B 41 12.18 -29.91 -38.03
N TRP B 42 12.71 -28.79 -38.53
CA TRP B 42 14.06 -28.76 -39.07
C TRP B 42 14.82 -27.53 -38.63
N SER B 43 16.13 -27.67 -38.42
CA SER B 43 16.97 -26.53 -38.09
C SER B 43 18.24 -26.52 -38.97
N GLY B 44 18.91 -25.38 -39.01
CA GLY B 44 20.15 -25.27 -39.78
C GLY B 44 21.18 -26.26 -39.28
N GLY B 45 21.20 -26.48 -37.96
CA GLY B 45 22.14 -27.39 -37.35
C GLY B 45 21.93 -28.84 -37.75
N MET B 46 20.72 -29.14 -38.23
CA MET B 46 20.39 -30.47 -38.71
C MET B 46 20.87 -30.68 -40.15
N VAL B 47 20.91 -29.62 -40.94
CA VAL B 47 21.32 -29.78 -42.33
C VAL B 47 22.79 -29.43 -42.68
N VAL B 48 23.53 -28.75 -41.80
CA VAL B 48 24.91 -28.41 -42.15
C VAL B 48 25.90 -28.93 -41.10
N LYS B 49 27.15 -29.12 -41.53
CA LYS B 49 28.18 -29.78 -40.71
C LYS B 49 28.84 -28.89 -39.66
N ALA B 50 29.17 -27.66 -40.05
CA ALA B 50 29.98 -26.79 -39.20
C ALA B 50 29.12 -25.80 -38.41
N ASP B 51 29.50 -25.55 -37.16
CA ASP B 51 28.79 -24.62 -36.29
C ASP B 51 28.64 -23.25 -36.94
N ARG B 52 29.69 -22.81 -37.62
CA ARG B 52 29.76 -21.48 -38.20
C ARG B 52 28.80 -21.29 -39.37
N ASP B 53 28.32 -22.38 -39.95
CA ASP B 53 27.39 -22.31 -41.07
C ASP B 53 25.93 -22.46 -40.66
N GLU B 54 25.67 -22.72 -39.38
CA GLU B 54 24.29 -22.87 -38.89
C GLU B 54 23.42 -21.59 -38.97
N PRO B 55 23.98 -20.41 -38.62
CA PRO B 55 23.21 -19.17 -38.78
C PRO B 55 22.99 -18.75 -40.24
N SER B 56 23.72 -19.38 -41.15
CA SER B 56 23.69 -19.04 -42.58
C SER B 56 22.29 -19.11 -43.20
N PRO B 57 21.97 -18.16 -44.09
CA PRO B 57 20.70 -18.17 -44.83
C PRO B 57 20.58 -19.38 -45.75
N TYR B 58 21.72 -19.91 -46.16
CA TYR B 58 21.77 -21.10 -46.99
C TYR B 58 21.32 -22.34 -46.21
N ALA B 59 21.74 -22.41 -44.96
CA ALA B 59 21.28 -23.48 -44.07
C ALA B 59 19.78 -23.33 -43.80
N ALA B 60 19.35 -22.08 -43.66
CA ALA B 60 17.94 -21.79 -43.45
C ALA B 60 17.10 -22.26 -44.62
N MET B 61 17.58 -21.99 -45.84
CA MET B 61 16.91 -22.41 -47.07
C MET B 61 16.85 -23.92 -47.18
N LEU B 62 17.97 -24.58 -46.87
CA LEU B 62 18.03 -26.03 -46.95
C LEU B 62 17.07 -26.68 -45.95
N ALA B 63 17.11 -26.20 -44.72
CA ALA B 63 16.23 -26.70 -43.67
C ALA B 63 14.77 -26.49 -44.05
N ALA B 64 14.49 -25.32 -44.63
CA ALA B 64 13.14 -25.02 -45.12
C ALA B 64 12.71 -25.99 -46.20
N ARG B 65 13.63 -26.32 -47.12
CA ARG B 65 13.37 -27.30 -48.17
C ARG B 65 12.99 -28.66 -47.59
N ARG B 66 13.78 -29.12 -46.63
CA ARG B 66 13.50 -30.41 -46.00
C ARG B 66 12.13 -30.40 -45.33
N ALA B 67 11.86 -29.32 -44.59
CA ALA B 67 10.58 -29.19 -43.90
C ALA B 67 9.41 -29.20 -44.88
N ALA B 68 9.59 -28.48 -45.98
CA ALA B 68 8.55 -28.34 -46.99
C ALA B 68 8.27 -29.65 -47.71
N GLU B 69 9.33 -30.37 -48.06
CA GLU B 69 9.16 -31.68 -48.71
C GLU B 69 8.44 -32.64 -47.76
N GLU B 70 8.88 -32.66 -46.50
CA GLU B 70 8.25 -33.52 -45.51
C GLU B 70 6.75 -33.19 -45.39
N ALA B 71 6.43 -31.89 -45.41
CA ALA B 71 5.05 -31.45 -45.30
C ALA B 71 4.22 -31.83 -46.51
N LEU B 72 4.77 -31.62 -47.70
CA LEU B 72 4.10 -31.95 -48.95
C LEU B 72 3.79 -33.44 -49.01
N GLU B 73 4.73 -34.26 -48.57
CA GLU B 73 4.50 -35.70 -48.60
C GLU B 73 3.44 -36.13 -47.58
N LYS B 74 3.22 -35.32 -46.56
CA LYS B 74 2.22 -35.64 -45.54
C LYS B 74 0.85 -35.03 -45.88
N GLY B 75 0.76 -34.39 -47.04
CA GLY B 75 -0.52 -33.92 -47.54
C GLY B 75 -0.79 -32.43 -47.37
N ILE B 76 0.20 -31.70 -46.87
CA ILE B 76 0.06 -30.26 -46.70
C ILE B 76 0.26 -29.57 -48.05
N VAL B 77 -0.76 -28.86 -48.50
CA VAL B 77 -0.70 -28.09 -49.75
C VAL B 77 -0.10 -26.71 -49.54
N GLY B 78 -0.36 -26.10 -48.39
CA GLY B 78 0.12 -24.76 -48.11
C GLY B 78 0.33 -24.42 -46.64
N VAL B 79 1.04 -23.33 -46.38
CA VAL B 79 1.31 -22.91 -45.00
C VAL B 79 1.10 -21.41 -44.77
N HIS B 80 0.61 -21.08 -43.58
CA HIS B 80 0.64 -19.71 -43.09
C HIS B 80 1.97 -19.53 -42.36
N ILE B 81 2.56 -18.34 -42.46
CA ILE B 81 3.87 -18.11 -41.85
C ILE B 81 3.79 -17.27 -40.60
N ARG B 82 4.48 -17.70 -39.55
CA ARG B 82 4.70 -16.86 -38.38
C ARG B 82 6.19 -16.66 -38.16
N VAL B 83 6.65 -15.43 -38.39
CA VAL B 83 8.08 -15.18 -38.42
C VAL B 83 8.56 -14.54 -37.12
N ARG B 84 9.62 -15.11 -36.56
CA ARG B 84 10.36 -14.49 -35.48
C ARG B 84 11.73 -14.12 -36.05
N ALA B 85 11.97 -12.82 -36.23
CA ALA B 85 13.20 -12.36 -36.85
C ALA B 85 13.70 -11.13 -36.11
N PRO B 86 14.38 -11.36 -34.98
CA PRO B 86 14.95 -10.29 -34.16
C PRO B 86 16.04 -9.55 -34.92
N GLY B 87 16.22 -8.28 -34.59
CA GLY B 87 17.23 -7.46 -35.22
C GLY B 87 17.79 -6.52 -34.18
N GLY B 88 18.92 -5.91 -34.48
CA GLY B 88 19.57 -5.04 -33.52
C GLY B 88 18.73 -3.82 -33.22
N SER B 89 19.05 -3.16 -32.12
CA SER B 89 18.42 -1.91 -31.75
C SER B 89 19.03 -0.72 -32.48
N LYS B 90 20.35 -0.75 -32.66
CA LYS B 90 21.07 0.30 -33.36
C LYS B 90 20.82 0.23 -34.86
N SER B 91 21.39 -0.78 -35.52
CA SER B 91 21.02 -1.05 -36.90
C SER B 91 19.89 -2.06 -36.84
N LYS B 92 18.73 -1.72 -37.38
CA LYS B 92 17.62 -2.65 -37.27
C LYS B 92 17.64 -3.50 -38.52
N THR B 93 18.25 -4.68 -38.40
CA THR B 93 18.40 -5.60 -39.50
C THR B 93 18.19 -7.06 -39.10
N PRO B 94 16.96 -7.57 -39.30
CA PRO B 94 16.68 -8.95 -38.90
C PRO B 94 17.53 -9.97 -39.67
N GLY B 95 18.00 -9.59 -40.85
CA GLY B 95 18.74 -10.52 -41.69
C GLY B 95 17.85 -11.13 -42.77
N PRO B 96 18.48 -11.61 -43.85
CA PRO B 96 17.79 -12.28 -44.96
C PRO B 96 17.29 -13.69 -44.63
N GLY B 97 17.72 -14.27 -43.52
CA GLY B 97 17.42 -15.66 -43.22
C GLY B 97 15.97 -16.09 -43.26
N ALA B 98 15.11 -15.37 -42.53
CA ALA B 98 13.71 -15.75 -42.44
C ALA B 98 13.00 -15.66 -43.80
N GLN B 99 13.26 -14.57 -44.51
CA GLN B 99 12.65 -14.34 -45.81
C GLN B 99 13.11 -15.41 -46.80
N ALA B 100 14.40 -15.72 -46.74
CA ALA B 100 14.96 -16.75 -47.60
C ALA B 100 14.32 -18.10 -47.32
N ALA B 101 14.10 -18.37 -46.05
CA ALA B 101 13.44 -19.61 -45.65
C ALA B 101 12.02 -19.68 -46.24
N ILE B 102 11.31 -18.55 -46.19
CA ILE B 102 9.98 -18.48 -46.77
C ILE B 102 10.00 -18.76 -48.27
N ARG B 103 10.91 -18.10 -48.99
CA ARG B 103 11.05 -18.34 -50.43
C ARG B 103 11.38 -19.78 -50.71
N ALA B 104 12.22 -20.38 -49.86
CA ALA B 104 12.60 -21.77 -50.06
C ALA B 104 11.38 -22.66 -49.90
N LEU B 105 10.51 -22.30 -48.96
CA LEU B 105 9.25 -23.02 -48.77
C LEU B 105 8.39 -22.92 -50.03
N ALA B 106 8.32 -21.72 -50.62
CA ALA B 106 7.54 -21.53 -51.85
C ALA B 106 8.11 -22.32 -53.03
N ARG B 107 9.42 -22.21 -53.22
CA ARG B 107 10.13 -22.84 -54.34
C ARG B 107 10.07 -24.36 -54.25
N ALA B 108 9.91 -24.87 -53.03
CA ALA B 108 9.82 -26.31 -52.83
C ALA B 108 8.44 -26.83 -53.21
N GLY B 109 7.53 -25.90 -53.52
CA GLY B 109 6.19 -26.24 -53.98
C GLY B 109 5.05 -25.99 -53.02
N LEU B 110 5.33 -25.46 -51.84
CA LEU B 110 4.25 -25.11 -50.90
C LEU B 110 3.62 -23.79 -51.27
N LYS B 111 2.31 -23.70 -51.12
CA LYS B 111 1.62 -22.42 -51.26
C LYS B 111 1.78 -21.61 -49.98
N ILE B 112 1.86 -20.30 -50.12
CA ILE B 112 2.04 -19.41 -48.97
C ILE B 112 0.76 -18.63 -48.70
N GLY B 113 0.29 -18.72 -47.45
CA GLY B 113 -0.92 -18.05 -47.00
C GLY B 113 -0.57 -16.74 -46.32
N ARG B 114 -1.32 -16.43 -45.26
CA ARG B 114 -1.04 -15.27 -44.43
C ARG B 114 0.39 -15.29 -43.89
N VAL B 115 1.01 -14.11 -43.87
CA VAL B 115 2.36 -13.96 -43.31
C VAL B 115 2.31 -12.96 -42.16
N GLU B 116 2.56 -13.45 -40.95
CA GLU B 116 2.43 -12.62 -39.76
C GLU B 116 3.78 -12.54 -39.06
N ASP B 117 4.15 -11.32 -38.66
CA ASP B 117 5.38 -11.16 -37.92
C ASP B 117 5.08 -11.13 -36.43
N VAL B 118 5.46 -12.22 -35.78
CA VAL B 118 5.29 -12.40 -34.33
C VAL B 118 6.57 -12.17 -33.53
N THR B 119 7.59 -11.56 -34.15
CA THR B 119 8.91 -11.44 -33.53
C THR B 119 8.83 -10.97 -32.09
N PRO B 120 9.36 -11.79 -31.16
CA PRO B 120 9.15 -11.58 -29.74
C PRO B 120 9.87 -10.37 -29.20
N ILE B 121 9.16 -9.58 -28.42
CA ILE B 121 9.76 -8.42 -27.77
C ILE B 121 9.73 -8.71 -26.28
N PRO B 122 10.91 -8.90 -25.69
CA PRO B 122 10.93 -9.26 -24.27
C PRO B 122 10.34 -8.16 -23.41
N HIS B 123 9.37 -8.48 -22.57
CA HIS B 123 8.90 -7.50 -21.61
C HIS B 123 8.49 -8.10 -20.27
N ASP B 124 9.21 -7.77 -19.21
CA ASP B 124 8.59 -7.16 -18.05
C ASP B 124 9.65 -6.27 -17.43
N GLY B 125 9.44 -4.97 -17.49
CA GLY B 125 10.39 -4.05 -16.92
C GLY B 125 10.07 -2.64 -17.37
N THR B 126 11.12 -1.85 -17.48
CA THR B 126 11.08 -0.56 -18.15
C THR B 126 10.54 -0.68 -19.59
N ARG B 127 9.79 0.33 -20.04
CA ARG B 127 9.19 0.35 -21.37
C ARG B 127 9.75 1.43 -22.29
N PRO B 128 10.33 1.02 -23.42
CA PRO B 128 10.86 1.98 -24.41
C PRO B 128 9.75 2.64 -25.22
N LYS B 129 10.05 3.81 -25.82
CA LYS B 129 9.16 4.50 -26.74
C LYS B 129 8.01 5.18 -25.99
N GLY C 11 -43.65 28.31 18.28
CA GLY C 11 -42.73 29.22 17.62
C GLY C 11 -42.30 28.75 16.24
N MET C 12 -41.86 29.69 15.41
CA MET C 12 -41.41 29.37 14.05
C MET C 12 -39.97 29.84 13.79
N LEU C 13 -39.06 28.90 13.56
CA LEU C 13 -37.66 29.23 13.31
C LEU C 13 -37.29 28.98 11.85
N ILE C 14 -37.03 30.05 11.12
CA ILE C 14 -36.75 29.97 9.68
C ILE C 14 -35.30 30.37 9.36
N ALA C 15 -34.58 29.49 8.69
CA ALA C 15 -33.20 29.78 8.32
C ALA C 15 -33.10 30.35 6.91
N ILE C 16 -32.33 31.42 6.75
CA ILE C 16 -32.06 31.99 5.44
C ILE C 16 -30.59 31.77 5.11
N THR C 17 -30.31 30.90 4.16
CA THR C 17 -28.94 30.55 3.87
C THR C 17 -28.62 30.61 2.37
N GLY C 18 -27.35 30.41 2.05
CA GLY C 18 -26.88 30.39 0.68
C GLY C 18 -25.44 30.86 0.60
N THR C 19 -24.87 30.78 -0.59
CA THR C 19 -23.48 31.19 -0.83
C THR C 19 -23.32 32.65 -0.47
N PRO C 20 -22.17 33.01 0.14
CA PRO C 20 -21.87 34.41 0.43
C PRO C 20 -22.05 35.31 -0.79
N GLY C 21 -22.77 36.42 -0.61
CA GLY C 21 -23.04 37.35 -1.69
C GLY C 21 -24.41 37.16 -2.32
N VAL C 22 -25.11 36.08 -1.94
CA VAL C 22 -26.37 35.73 -2.60
C VAL C 22 -27.52 36.66 -2.19
N GLY C 23 -27.32 37.44 -1.13
CA GLY C 23 -28.37 38.32 -0.64
C GLY C 23 -29.08 37.87 0.63
N LYS C 24 -28.49 36.93 1.36
CA LYS C 24 -29.06 36.40 2.60
C LYS C 24 -29.56 37.48 3.56
N THR C 25 -28.72 38.48 3.82
CA THR C 25 -29.04 39.49 4.83
C THR C 25 -30.19 40.39 4.38
N THR C 26 -30.11 40.86 3.13
CA THR C 26 -31.15 41.68 2.52
C THR C 26 -32.53 41.01 2.63
N ILE C 27 -32.56 39.80 2.13
CA ILE C 27 -33.79 39.02 2.05
C ILE C 27 -34.31 38.66 3.45
N ALA C 28 -33.41 38.27 4.35
CA ALA C 28 -33.82 37.88 5.70
C ALA C 28 -34.41 39.06 6.46
N LYS C 29 -33.78 40.22 6.36
CA LYS C 29 -34.28 41.42 7.03
C LYS C 29 -35.66 41.81 6.48
N LEU C 30 -35.76 41.88 5.16
CA LEU C 30 -37.04 42.26 4.55
C LEU C 30 -38.14 41.25 4.94
N LEU C 31 -37.77 39.97 4.97
CA LEU C 31 -38.72 38.91 5.30
C LEU C 31 -39.21 39.02 6.74
N ALA C 32 -38.28 39.30 7.65
CA ALA C 32 -38.63 39.48 9.06
C ALA C 32 -39.57 40.66 9.20
N GLU C 33 -39.33 41.69 8.41
CA GLU C 33 -40.20 42.87 8.42
C GLU C 33 -41.61 42.52 7.94
N LYS C 34 -41.70 41.78 6.83
CA LYS C 34 -42.97 41.45 6.21
C LYS C 34 -43.80 40.44 7.00
N LEU C 35 -43.12 39.52 7.68
CA LEU C 35 -43.82 38.50 8.47
C LEU C 35 -44.19 38.99 9.86
N GLY C 36 -43.54 40.07 10.28
CA GLY C 36 -43.67 40.54 11.64
C GLY C 36 -42.86 39.64 12.56
N TYR C 37 -41.94 38.89 11.96
CA TYR C 37 -41.02 38.07 12.76
C TYR C 37 -39.84 38.94 13.16
N GLU C 38 -38.93 38.38 13.95
CA GLU C 38 -37.75 39.13 14.30
C GLU C 38 -36.51 38.57 13.62
N TYR C 39 -35.67 39.49 13.16
CA TYR C 39 -34.43 39.17 12.48
C TYR C 39 -33.32 38.85 13.48
N VAL C 40 -32.60 37.76 13.23
CA VAL C 40 -31.40 37.46 14.03
C VAL C 40 -30.24 37.06 13.13
N ASN C 41 -29.15 37.80 13.21
CA ASN C 41 -27.92 37.46 12.50
C ASN C 41 -27.13 36.44 13.31
N LEU C 42 -26.86 35.30 12.70
CA LEU C 42 -26.27 34.16 13.40
C LEU C 42 -24.89 34.47 13.96
N ARG C 43 -24.12 35.24 13.21
CA ARG C 43 -22.78 35.65 13.64
C ARG C 43 -22.80 36.46 14.94
N ASP C 44 -23.59 37.53 14.91
CA ASP C 44 -23.71 38.42 16.05
C ASP C 44 -24.27 37.65 17.24
N PHE C 45 -25.27 36.81 16.99
CA PHE C 45 -25.85 35.97 18.03
C PHE C 45 -24.76 35.10 18.66
N ALA C 46 -23.88 34.58 17.82
CA ALA C 46 -22.77 33.74 18.28
C ALA C 46 -21.83 34.53 19.18
N LEU C 47 -21.55 35.78 18.80
CA LEU C 47 -20.69 36.64 19.63
C LEU C 47 -21.33 37.03 20.96
N GLU C 48 -22.63 37.35 20.93
CA GLU C 48 -23.36 37.76 22.12
C GLU C 48 -23.46 36.62 23.12
N LYS C 49 -23.65 35.41 22.61
CA LYS C 49 -23.81 34.24 23.46
C LYS C 49 -22.46 33.62 23.82
N GLY C 50 -21.38 34.16 23.26
CA GLY C 50 -20.04 33.77 23.63
C GLY C 50 -19.44 32.57 22.92
N CYS C 51 -20.08 32.12 21.84
CA CYS C 51 -19.55 31.04 21.03
C CYS C 51 -18.34 31.50 20.23
N GLY C 52 -18.41 32.72 19.71
CA GLY C 52 -17.32 33.30 18.92
C GLY C 52 -16.14 33.71 19.77
N GLU C 58 -12.16 37.29 11.51
CA GLU C 58 -13.11 36.19 11.36
C GLU C 58 -13.62 35.72 12.73
N VAL C 59 -14.82 35.15 12.73
CA VAL C 59 -15.43 34.66 13.97
C VAL C 59 -15.44 33.14 13.95
N GLU C 60 -14.69 32.51 14.85
CA GLU C 60 -14.64 31.05 14.86
C GLU C 60 -15.62 30.53 15.90
N VAL C 61 -16.45 29.57 15.47
CA VAL C 61 -17.47 28.99 16.33
C VAL C 61 -17.50 27.46 16.27
N GLU C 62 -18.21 26.87 17.22
CA GLU C 62 -18.47 25.44 17.20
C GLU C 62 -19.92 25.16 16.83
N ILE C 63 -20.10 24.43 15.73
CA ILE C 63 -21.41 24.25 15.13
C ILE C 63 -22.43 23.60 16.07
N ASP C 64 -22.06 22.48 16.68
CA ASP C 64 -22.95 21.79 17.62
C ASP C 64 -23.28 22.68 18.82
N GLU C 65 -22.27 23.43 19.28
CA GLU C 65 -22.44 24.38 20.37
C GLU C 65 -23.42 25.51 20.05
N LEU C 66 -23.19 26.16 18.93
CA LEU C 66 -24.01 27.26 18.48
C LEU C 66 -25.44 26.77 18.24
N ALA C 67 -25.55 25.55 17.72
CA ALA C 67 -26.84 24.92 17.47
C ALA C 67 -27.58 24.69 18.79
N TYR C 68 -26.83 24.25 19.79
CA TYR C 68 -27.39 24.04 21.13
C TYR C 68 -27.97 25.37 21.64
N PHE C 69 -27.21 26.46 21.45
CA PHE C 69 -27.68 27.78 21.88
C PHE C 69 -28.91 28.26 21.11
N VAL C 70 -28.90 28.10 19.79
CA VAL C 70 -30.04 28.50 18.97
C VAL C 70 -31.28 27.75 19.41
N GLU C 71 -31.14 26.44 19.62
CA GLU C 71 -32.25 25.63 20.09
C GLU C 71 -32.75 26.08 21.46
N LYS C 72 -31.85 26.36 22.39
CA LYS C 72 -32.31 26.75 23.73
C LYS C 72 -33.04 28.10 23.71
N GLU C 73 -32.41 29.15 23.18
CA GLU C 73 -33.02 30.48 23.25
C GLU C 73 -34.09 30.79 22.18
N LEU C 74 -33.87 30.38 20.94
CA LEU C 74 -34.75 30.82 19.86
C LEU C 74 -35.86 29.84 19.46
N LYS C 75 -35.92 28.67 20.08
CA LYS C 75 -36.83 27.62 19.60
C LYS C 75 -38.27 28.07 19.75
N ASP C 76 -38.62 28.53 20.95
CA ASP C 76 -39.93 29.11 21.15
C ASP C 76 -39.80 30.63 21.13
N ARG C 77 -40.11 31.17 19.95
CA ARG C 77 -40.08 32.57 19.50
C ARG C 77 -40.35 32.47 18.01
N ASN C 78 -40.57 33.60 17.34
CA ASN C 78 -40.69 33.59 15.88
C ASN C 78 -39.52 34.34 15.24
N VAL C 79 -38.59 33.62 14.61
CA VAL C 79 -37.31 34.19 14.23
C VAL C 79 -36.86 33.83 12.82
N VAL C 80 -36.39 34.82 12.08
CA VAL C 80 -35.71 34.61 10.79
C VAL C 80 -34.19 34.67 11.00
N LEU C 81 -33.52 33.54 10.73
CA LEU C 81 -32.09 33.40 11.05
C LEU C 81 -31.19 33.58 9.82
N ASP C 82 -30.26 34.54 9.92
CA ASP C 82 -29.42 34.93 8.79
C ASP C 82 -27.97 34.45 8.99
N GLY C 83 -27.52 33.58 8.09
CA GLY C 83 -26.12 33.16 8.05
C GLY C 83 -25.95 32.01 7.10
N HIS C 84 -24.72 31.77 6.67
CA HIS C 84 -24.45 30.66 5.76
C HIS C 84 -24.30 29.34 6.53
N LEU C 85 -24.27 29.43 7.86
CA LEU C 85 -24.35 28.25 8.71
C LEU C 85 -25.76 28.04 9.26
N SER C 86 -26.69 28.94 8.90
CA SER C 86 -28.01 28.94 9.53
C SER C 86 -28.76 27.63 9.28
N HIS C 87 -28.47 26.97 8.17
CA HIS C 87 -29.17 25.73 7.83
C HIS C 87 -28.65 24.55 8.66
N LEU C 88 -27.50 24.74 9.30
CA LEU C 88 -26.94 23.70 10.16
C LEU C 88 -27.50 23.80 11.58
N MET C 89 -28.34 24.81 11.79
CA MET C 89 -28.96 25.00 13.08
C MET C 89 -30.26 24.22 13.15
N PRO C 90 -30.72 23.89 14.38
CA PRO C 90 -31.97 23.15 14.50
C PRO C 90 -33.17 24.05 14.21
N VAL C 91 -33.38 24.39 12.94
CA VAL C 91 -34.48 25.28 12.61
C VAL C 91 -35.69 24.48 12.15
N ASP C 92 -36.82 25.18 11.98
CA ASP C 92 -38.05 24.55 11.51
C ASP C 92 -38.15 24.50 9.99
N LEU C 93 -37.63 25.52 9.33
CA LEU C 93 -37.67 25.60 7.87
C LEU C 93 -36.42 26.29 7.37
N VAL C 94 -35.86 25.79 6.27
CA VAL C 94 -34.64 26.34 5.68
C VAL C 94 -34.95 26.98 4.33
N VAL C 95 -34.54 28.22 4.13
CA VAL C 95 -34.66 28.82 2.82
C VAL C 95 -33.26 28.97 2.20
N VAL C 96 -33.06 28.31 1.07
CA VAL C 96 -31.78 28.39 0.36
C VAL C 96 -31.89 29.32 -0.84
N LEU C 97 -31.16 30.42 -0.78
CA LEU C 97 -31.14 31.37 -1.87
C LEU C 97 -30.06 30.99 -2.88
N ARG C 98 -30.41 31.08 -4.16
CA ARG C 98 -29.48 30.77 -5.23
C ARG C 98 -29.31 32.00 -6.12
N ALA C 99 -28.17 32.09 -6.77
CA ALA C 99 -27.94 33.13 -7.76
C ALA C 99 -26.96 32.62 -8.81
N HIS C 100 -27.07 33.16 -10.02
CA HIS C 100 -26.11 32.86 -11.08
C HIS C 100 -24.70 33.11 -10.54
N PRO C 101 -23.82 32.11 -10.65
CA PRO C 101 -22.47 32.19 -10.07
C PRO C 101 -21.68 33.42 -10.54
N ARG C 102 -22.02 33.94 -11.71
CA ARG C 102 -21.43 35.18 -12.20
C ARG C 102 -21.79 36.36 -11.31
N ILE C 103 -23.03 36.38 -10.83
CA ILE C 103 -23.48 37.43 -9.93
C ILE C 103 -22.72 37.36 -8.61
N ILE C 104 -22.57 36.14 -8.09
CA ILE C 104 -21.78 35.88 -6.90
C ILE C 104 -20.36 36.40 -7.10
N GLY C 105 -19.76 36.09 -8.24
CA GLY C 105 -18.42 36.53 -8.55
C GLY C 105 -18.27 38.03 -8.53
N GLU C 106 -19.18 38.73 -9.20
CA GLU C 106 -19.16 40.20 -9.25
C GLU C 106 -19.33 40.84 -7.87
N ARG C 107 -20.33 40.37 -7.13
CA ARG C 107 -20.63 40.92 -5.80
C ARG C 107 -19.47 40.67 -4.83
N LEU C 108 -18.87 39.48 -4.92
CA LEU C 108 -17.76 39.17 -4.04
C LEU C 108 -16.50 39.92 -4.46
N ARG C 109 -16.41 40.28 -5.74
CA ARG C 109 -15.27 41.10 -6.15
C ARG C 109 -15.42 42.51 -5.61
N GLU C 110 -16.63 43.05 -5.66
CA GLU C 110 -16.85 44.38 -5.10
C GLU C 110 -16.69 44.34 -3.57
N ARG C 111 -16.89 43.17 -2.96
CA ARG C 111 -16.63 43.05 -1.53
C ARG C 111 -15.11 43.10 -1.26
N GLY C 112 -14.32 42.86 -2.30
CA GLY C 112 -12.88 42.93 -2.18
C GLY C 112 -12.18 41.64 -1.79
N TYR C 113 -12.87 40.51 -2.00
CA TYR C 113 -12.28 39.21 -1.71
C TYR C 113 -11.10 38.93 -2.66
N SER C 114 -10.21 38.06 -2.24
CA SER C 114 -9.11 37.62 -3.10
C SER C 114 -9.64 36.76 -4.25
N LYS C 115 -8.84 36.64 -5.30
CA LYS C 115 -9.18 35.83 -6.48
C LYS C 115 -9.55 34.38 -6.14
N GLU C 116 -8.75 33.76 -5.28
CA GLU C 116 -8.94 32.36 -4.91
C GLU C 116 -10.24 32.18 -4.13
N LYS C 117 -10.54 33.16 -3.30
CA LYS C 117 -11.70 33.13 -2.42
C LYS C 117 -13.00 33.28 -3.20
N ILE C 118 -12.98 34.25 -4.11
CA ILE C 118 -14.06 34.43 -5.06
C ILE C 118 -14.29 33.14 -5.84
N GLY C 119 -13.21 32.58 -6.38
CA GLY C 119 -13.29 31.37 -7.17
C GLY C 119 -13.90 30.22 -6.40
N GLU C 120 -13.48 30.07 -5.14
CA GLU C 120 -14.00 29.00 -4.32
C GLU C 120 -15.50 29.18 -4.04
N ASN C 121 -15.92 30.41 -3.77
CA ASN C 121 -17.34 30.62 -3.48
C ASN C 121 -18.22 30.45 -4.72
N VAL C 122 -17.68 30.87 -5.87
CA VAL C 122 -18.36 30.69 -7.15
C VAL C 122 -18.51 29.20 -7.44
N GLU C 123 -17.45 28.42 -7.25
CA GLU C 123 -17.53 26.98 -7.44
C GLU C 123 -18.55 26.39 -6.49
N ALA C 124 -18.59 26.91 -5.26
CA ALA C 124 -19.54 26.41 -4.27
C ALA C 124 -20.99 26.64 -4.71
N GLU C 125 -21.27 27.79 -5.32
CA GLU C 125 -22.62 28.03 -5.81
C GLU C 125 -22.92 27.16 -7.03
N LEU C 126 -21.91 26.95 -7.86
CA LEU C 126 -22.04 26.11 -9.06
C LEU C 126 -22.48 24.69 -8.71
N VAL C 127 -21.89 24.14 -7.66
CA VAL C 127 -22.13 22.74 -7.30
C VAL C 127 -23.22 22.54 -6.23
N ASP C 128 -23.93 23.61 -5.87
CA ASP C 128 -25.05 23.55 -4.93
C ASP C 128 -24.64 23.08 -3.53
N ALA C 129 -23.48 23.52 -3.06
CA ALA C 129 -22.93 23.01 -1.80
C ALA C 129 -23.87 23.19 -0.60
N ILE C 130 -24.29 24.44 -0.38
CA ILE C 130 -25.19 24.77 0.72
C ILE C 130 -26.51 24.00 0.62
N LEU C 131 -27.08 23.96 -0.58
CA LEU C 131 -28.34 23.27 -0.82
C LEU C 131 -28.25 21.79 -0.42
N ILE C 132 -27.17 21.14 -0.85
CA ILE C 132 -26.92 19.74 -0.55
C ILE C 132 -26.78 19.52 0.95
N GLU C 133 -26.05 20.41 1.61
CA GLU C 133 -25.92 20.37 3.06
C GLU C 133 -27.30 20.46 3.73
N ALA C 134 -28.11 21.41 3.27
CA ALA C 134 -29.43 21.66 3.84
C ALA C 134 -30.31 20.44 3.72
N ILE C 135 -30.33 19.87 2.52
CA ILE C 135 -31.11 18.68 2.22
C ILE C 135 -30.65 17.51 3.10
N ASP C 136 -29.35 17.42 3.34
CA ASP C 136 -28.83 16.38 4.22
C ASP C 136 -29.27 16.57 5.67
N GLU C 137 -29.28 17.83 6.13
CA GLU C 137 -29.61 18.16 7.51
C GLU C 137 -31.10 18.24 7.81
N HIS C 138 -31.89 18.70 6.86
CA HIS C 138 -33.31 18.96 7.12
C HIS C 138 -34.23 18.43 6.04
N GLU C 139 -35.45 18.08 6.45
CA GLU C 139 -36.49 17.66 5.53
C GLU C 139 -37.17 18.85 4.88
N ASN C 140 -37.33 19.94 5.62
CA ASN C 140 -38.06 21.08 5.09
C ASN C 140 -37.10 22.12 4.53
N VAL C 141 -37.03 22.19 3.20
CA VAL C 141 -36.10 23.07 2.50
C VAL C 141 -36.75 23.71 1.28
N ILE C 142 -36.72 25.04 1.23
CA ILE C 142 -37.30 25.79 0.12
C ILE C 142 -36.22 26.57 -0.62
N GLU C 143 -36.04 26.23 -1.89
CA GLU C 143 -35.01 26.85 -2.73
C GLU C 143 -35.62 27.99 -3.53
N VAL C 144 -34.91 29.13 -3.61
CA VAL C 144 -35.39 30.28 -4.37
C VAL C 144 -34.30 30.91 -5.22
N ASP C 145 -34.56 31.05 -6.52
CA ASP C 145 -33.61 31.67 -7.45
C ASP C 145 -33.80 33.19 -7.44
N THR C 146 -32.74 33.92 -7.07
CA THR C 146 -32.83 35.37 -6.96
C THR C 146 -32.48 36.08 -8.25
N THR C 147 -31.99 35.33 -9.24
CA THR C 147 -31.49 35.89 -10.49
C THR C 147 -32.56 36.70 -11.21
N ASN C 148 -32.21 37.94 -11.54
CA ASN C 148 -33.10 38.88 -12.22
C ASN C 148 -34.38 39.18 -11.44
N LYS C 149 -34.31 39.06 -10.11
CA LYS C 149 -35.44 39.38 -9.24
C LYS C 149 -35.09 40.46 -8.23
N THR C 150 -36.10 41.23 -7.84
CA THR C 150 -35.97 42.23 -6.79
C THR C 150 -36.16 41.57 -5.42
N PRO C 151 -35.60 42.17 -4.36
CA PRO C 151 -35.80 41.66 -2.99
C PRO C 151 -37.28 41.53 -2.61
N GLU C 152 -38.10 42.44 -3.13
CA GLU C 152 -39.53 42.41 -2.85
C GLU C 152 -40.19 41.18 -3.48
N GLU C 153 -39.89 40.95 -4.74
CA GLU C 153 -40.44 39.80 -5.47
C GLU C 153 -39.97 38.49 -4.84
N ILE C 154 -38.71 38.47 -4.40
CA ILE C 154 -38.15 37.28 -3.75
C ILE C 154 -38.88 36.99 -2.43
N VAL C 155 -39.04 38.04 -1.62
CA VAL C 155 -39.72 37.88 -0.33
C VAL C 155 -41.18 37.45 -0.50
N GLU C 156 -41.88 38.06 -1.45
CA GLU C 156 -43.28 37.68 -1.68
C GLU C 156 -43.38 36.25 -2.21
N GLU C 157 -42.42 35.86 -3.03
CA GLU C 157 -42.35 34.49 -3.52
C GLU C 157 -42.22 33.54 -2.33
N ILE C 158 -41.32 33.88 -1.41
CA ILE C 158 -41.07 33.07 -0.22
C ILE C 158 -42.33 32.92 0.63
N ILE C 159 -42.94 34.06 0.98
CA ILE C 159 -44.14 34.05 1.82
C ILE C 159 -45.27 33.28 1.15
N GLY C 160 -45.44 33.48 -0.15
CA GLY C 160 -46.41 32.76 -0.94
C GLY C 160 -46.20 31.26 -0.83
N LEU C 161 -44.95 30.84 -0.94
CA LEU C 161 -44.59 29.42 -0.83
C LEU C 161 -44.91 28.90 0.57
N ILE C 162 -44.68 29.73 1.57
CA ILE C 162 -44.91 29.36 2.96
C ILE C 162 -46.40 29.17 3.27
N LYS C 163 -47.24 30.02 2.70
CA LYS C 163 -48.68 29.95 2.99
C LYS C 163 -49.36 28.75 2.33
N SER C 164 -48.67 28.11 1.40
CA SER C 164 -49.23 26.96 0.68
C SER C 164 -49.43 25.77 1.62
N LYS C 167 -43.84 22.69 1.45
CA LYS C 167 -42.92 22.61 2.59
C LYS C 167 -41.50 22.34 2.13
N ARG C 168 -41.38 21.75 0.94
CA ARG C 168 -40.09 21.42 0.35
C ARG C 168 -40.08 21.70 -1.15
N ARG C 169 -39.19 22.57 -1.61
CA ARG C 169 -38.96 22.73 -3.04
C ARG C 169 -37.48 22.84 -3.35
N VAL C 170 -36.93 21.87 -4.05
CA VAL C 170 -35.51 21.86 -4.39
C VAL C 170 -35.27 21.39 -5.81
N GLY C 171 -34.12 21.75 -6.38
CA GLY C 171 -33.75 21.30 -7.71
C GLY C 171 -34.22 22.25 -8.80
N ILE C 172 -34.44 23.51 -8.45
CA ILE C 172 -35.01 24.48 -9.38
C ILE C 172 -33.96 25.26 -10.20
N VAL C 173 -32.67 25.13 -9.85
CA VAL C 173 -31.61 25.72 -10.65
C VAL C 173 -30.55 24.68 -11.03
N ASP C 174 -30.04 24.77 -12.24
CA ASP C 174 -28.89 23.98 -12.66
C ASP C 174 -27.84 24.90 -13.28
N TRP C 175 -26.72 25.11 -12.59
CA TRP C 175 -25.77 26.10 -13.04
C TRP C 175 -24.75 25.50 -14.02
N SER C 176 -24.80 24.19 -14.20
CA SER C 176 -23.96 23.54 -15.20
C SER C 176 -24.30 24.14 -16.57
N GLU C 177 -25.58 24.47 -16.76
CA GLU C 177 -26.04 25.06 -18.01
C GLU C 177 -25.33 26.39 -18.31
N VAL C 178 -24.96 27.12 -17.27
CA VAL C 178 -24.24 28.38 -17.46
C VAL C 178 -22.74 28.25 -17.28
N TYR C 179 -22.23 27.01 -17.17
CA TYR C 179 -20.83 26.79 -16.79
C TYR C 179 -19.81 27.64 -17.55
N ASP C 180 -19.90 27.69 -18.87
CA ASP C 180 -18.94 28.45 -19.66
C ASP C 180 -18.88 29.91 -19.22
N GLU C 181 -20.05 30.47 -18.94
CA GLU C 181 -20.18 31.88 -18.56
C GLU C 181 -19.38 32.20 -17.30
N ILE C 182 -19.21 31.21 -16.43
CA ILE C 182 -18.50 31.44 -15.17
C ILE C 182 -17.04 30.97 -15.19
N ILE C 183 -16.56 30.48 -16.33
CA ILE C 183 -15.19 29.96 -16.42
C ILE C 183 -14.07 30.92 -15.94
N PRO C 184 -14.14 32.22 -16.25
CA PRO C 184 -13.06 33.12 -15.79
C PRO C 184 -12.83 33.16 -14.28
N TYR C 185 -13.84 32.85 -13.48
CA TYR C 185 -13.70 32.90 -12.02
C TYR C 185 -13.19 31.61 -11.41
N LEU C 186 -13.22 30.53 -12.18
CA LEU C 186 -12.91 29.21 -11.63
C LEU C 186 -11.41 29.00 -11.40
N ARG C 187 -11.07 28.02 -10.58
CA ARG C 187 -9.66 27.73 -10.31
C ARG C 187 -9.20 26.56 -11.17
N LEU C 188 -8.57 26.87 -12.30
CA LEU C 188 -8.15 25.85 -13.23
C LEU C 188 -6.64 25.61 -13.24
N GLY C 189 -5.92 26.39 -12.43
CA GLY C 189 -4.47 26.42 -12.47
C GLY C 189 -3.82 25.18 -11.87
N LYS D 13 1.32 14.30 -23.93
CA LYS D 13 0.78 15.53 -23.35
C LYS D 13 -0.33 15.23 -22.33
N TRP D 14 -0.23 15.84 -21.15
CA TRP D 14 -1.17 15.58 -20.07
C TRP D 14 -2.05 16.80 -19.80
N GLY D 15 -3.33 16.54 -19.53
CA GLY D 15 -4.25 17.58 -19.13
C GLY D 15 -4.75 17.47 -17.70
N ILE D 16 -5.76 18.28 -17.41
CA ILE D 16 -6.43 18.25 -16.11
C ILE D 16 -7.93 18.10 -16.35
N ALA D 17 -8.55 17.11 -15.71
CA ALA D 17 -9.98 16.91 -15.80
C ALA D 17 -10.63 17.45 -14.53
N HIS D 18 -11.36 18.53 -14.71
CA HIS D 18 -12.12 19.15 -13.65
C HIS D 18 -13.50 18.50 -13.63
N ILE D 19 -13.82 17.84 -12.54
CA ILE D 19 -15.06 17.08 -12.48
C ILE D 19 -15.97 17.65 -11.42
N TYR D 20 -17.18 18.03 -11.81
CA TYR D 20 -18.13 18.65 -10.89
C TYR D 20 -19.40 17.82 -10.71
N SER D 21 -19.65 17.39 -9.49
CA SER D 21 -20.89 16.70 -9.16
C SER D 21 -21.75 17.62 -8.35
N SER D 22 -22.89 18.00 -8.91
CA SER D 22 -23.81 18.90 -8.23
C SER D 22 -25.04 18.10 -7.87
N TYR D 23 -26.05 18.78 -7.34
CA TYR D 23 -27.30 18.12 -7.03
C TYR D 23 -28.02 17.71 -8.31
N ASN D 24 -27.97 18.58 -9.31
CA ASN D 24 -28.71 18.38 -10.56
C ASN D 24 -27.93 17.84 -11.77
N ASN D 25 -26.62 17.72 -11.68
CA ASN D 25 -25.84 17.44 -12.89
C ASN D 25 -24.39 17.04 -12.62
N THR D 26 -23.67 16.74 -13.71
CA THR D 26 -22.24 16.49 -13.64
C THR D 26 -21.55 17.16 -14.82
N ILE D 27 -20.39 17.75 -14.56
CA ILE D 27 -19.61 18.44 -15.57
C ILE D 27 -18.23 17.82 -15.65
N ILE D 28 -17.76 17.56 -16.87
CA ILE D 28 -16.38 17.16 -17.08
C ILE D 28 -15.73 18.19 -17.98
N HIS D 29 -14.78 18.93 -17.43
CA HIS D 29 -14.11 20.00 -18.17
C HIS D 29 -12.62 19.70 -18.22
N ILE D 30 -12.13 19.36 -19.41
CA ILE D 30 -10.71 19.03 -19.54
C ILE D 30 -9.95 20.21 -20.09
N THR D 31 -8.91 20.63 -19.37
CA THR D 31 -8.03 21.70 -19.83
C THR D 31 -6.60 21.20 -19.98
N ASP D 32 -5.72 22.08 -20.43
CA ASP D 32 -4.29 21.78 -20.44
C ASP D 32 -3.77 21.95 -19.01
N ILE D 33 -2.48 21.70 -18.78
CA ILE D 33 -1.91 21.76 -17.43
C ILE D 33 -2.04 23.14 -16.81
N THR D 34 -1.94 24.19 -17.63
CA THR D 34 -2.02 25.56 -17.15
C THR D 34 -3.45 25.96 -16.81
N GLY D 35 -4.42 25.32 -17.47
CA GLY D 35 -5.82 25.63 -17.24
C GLY D 35 -6.32 26.74 -18.14
N ALA D 36 -5.43 27.25 -18.99
CA ALA D 36 -5.78 28.35 -19.87
C ALA D 36 -6.54 27.87 -21.12
N GLU D 37 -6.23 26.66 -21.59
CA GLU D 37 -6.83 26.13 -22.82
C GLU D 37 -7.86 25.02 -22.54
N THR D 38 -9.02 25.12 -23.17
CA THR D 38 -10.08 24.11 -23.04
C THR D 38 -9.97 23.02 -24.12
N ILE D 39 -9.69 21.79 -23.69
CA ILE D 39 -9.67 20.66 -24.60
C ILE D 39 -11.07 20.14 -24.92
N SER D 40 -11.86 19.89 -23.87
CA SER D 40 -13.23 19.41 -24.04
C SER D 40 -14.09 19.79 -22.83
N ARG D 41 -15.38 20.04 -23.07
CA ARG D 41 -16.32 20.37 -22.01
C ARG D 41 -17.66 19.66 -22.21
N TRP D 42 -18.02 18.79 -21.25
CA TRP D 42 -19.25 18.01 -21.37
C TRP D 42 -20.00 17.96 -20.04
N SER D 43 -21.33 17.96 -20.13
CA SER D 43 -22.19 17.82 -18.96
C SER D 43 -23.28 16.78 -19.24
N GLY D 44 -23.93 16.31 -18.17
CA GLY D 44 -24.99 15.33 -18.31
C GLY D 44 -26.15 15.82 -19.16
N GLY D 45 -26.42 17.13 -19.06
CA GLY D 45 -27.50 17.71 -19.81
C GLY D 45 -27.25 17.69 -21.31
N MET D 46 -25.98 17.58 -21.70
CA MET D 46 -25.65 17.51 -23.12
C MET D 46 -25.87 16.13 -23.71
N VAL D 47 -25.70 15.08 -22.91
CA VAL D 47 -25.82 13.73 -23.44
C VAL D 47 -27.16 12.99 -23.25
N VAL D 48 -28.05 13.49 -22.39
CA VAL D 48 -29.32 12.77 -22.18
C VAL D 48 -30.54 13.63 -22.45
N LYS D 49 -31.65 12.98 -22.78
CA LYS D 49 -32.88 13.66 -23.21
C LYS D 49 -33.70 14.25 -22.07
N ALA D 50 -33.83 13.52 -20.98
CA ALA D 50 -34.73 13.94 -19.91
C ALA D 50 -33.99 14.66 -18.79
N ASP D 51 -34.60 15.73 -18.30
CA ASP D 51 -34.05 16.52 -17.20
C ASP D 51 -33.74 15.64 -16.00
N ARG D 52 -34.62 14.67 -15.76
CA ARG D 52 -34.52 13.82 -14.58
C ARG D 52 -33.33 12.86 -14.64
N ASP D 53 -32.79 12.64 -15.83
CA ASP D 53 -31.67 11.72 -15.99
C ASP D 53 -30.32 12.43 -15.99
N GLU D 54 -30.34 13.75 -15.91
CA GLU D 54 -29.10 14.54 -15.90
C GLU D 54 -28.20 14.27 -14.66
N PRO D 55 -28.78 14.18 -13.44
CA PRO D 55 -27.95 13.86 -12.28
C PRO D 55 -27.43 12.42 -12.24
N SER D 56 -27.98 11.57 -13.09
CA SER D 56 -27.62 10.15 -13.13
C SER D 56 -26.12 9.91 -13.36
N PRO D 57 -25.57 8.92 -12.66
CA PRO D 57 -24.17 8.52 -12.89
C PRO D 57 -23.96 7.97 -14.29
N TYR D 58 -25.02 7.43 -14.88
CA TYR D 58 -24.95 6.94 -16.26
C TYR D 58 -24.73 8.11 -17.23
N ALA D 59 -25.38 9.24 -16.93
CA ALA D 59 -25.18 10.46 -17.72
C ALA D 59 -23.76 10.97 -17.53
N ALA D 60 -23.25 10.86 -16.31
CA ALA D 60 -21.88 11.24 -15.97
C ALA D 60 -20.87 10.44 -16.78
N MET D 61 -21.10 9.13 -16.85
CA MET D 61 -20.25 8.23 -17.61
C MET D 61 -20.28 8.56 -19.09
N LEU D 62 -21.48 8.83 -19.62
CA LEU D 62 -21.59 9.14 -21.04
C LEU D 62 -20.86 10.45 -21.40
N ALA D 63 -21.06 11.48 -20.56
CA ALA D 63 -20.38 12.75 -20.75
C ALA D 63 -18.87 12.60 -20.64
N ALA D 64 -18.43 11.82 -19.65
CA ALA D 64 -16.99 11.58 -19.47
C ALA D 64 -16.42 10.89 -20.70
N ARG D 65 -17.17 9.93 -21.24
CA ARG D 65 -16.82 9.25 -22.48
C ARG D 65 -16.59 10.23 -23.62
N ARG D 66 -17.54 11.14 -23.82
CA ARG D 66 -17.41 12.12 -24.89
C ARG D 66 -16.18 13.01 -24.69
N ALA D 67 -16.01 13.49 -23.46
CA ALA D 67 -14.90 14.38 -23.14
C ALA D 67 -13.55 13.73 -23.38
N ALA D 68 -13.44 12.47 -22.95
CA ALA D 68 -12.20 11.73 -23.08
C ALA D 68 -11.87 11.47 -24.53
N GLU D 69 -12.89 11.08 -25.31
CA GLU D 69 -12.70 10.83 -26.73
C GLU D 69 -12.20 12.09 -27.44
N GLU D 70 -12.88 13.20 -27.17
CA GLU D 70 -12.51 14.49 -27.75
C GLU D 70 -11.07 14.85 -27.36
N ALA D 71 -10.70 14.56 -26.11
CA ALA D 71 -9.36 14.89 -25.63
C ALA D 71 -8.31 14.04 -26.36
N LEU D 72 -8.58 12.75 -26.49
CA LEU D 72 -7.66 11.86 -27.20
C LEU D 72 -7.45 12.33 -28.62
N GLU D 73 -8.52 12.77 -29.28
CA GLU D 73 -8.39 13.21 -30.66
C GLU D 73 -7.54 14.49 -30.74
N LYS D 74 -7.49 15.24 -29.64
CA LYS D 74 -6.70 16.47 -29.60
C LYS D 74 -5.29 16.28 -29.04
N GLY D 75 -4.91 15.04 -28.73
CA GLY D 75 -3.54 14.75 -28.35
C GLY D 75 -3.29 14.57 -26.86
N ILE D 76 -4.35 14.61 -26.05
CA ILE D 76 -4.18 14.40 -24.63
C ILE D 76 -4.06 12.90 -24.33
N VAL D 77 -2.94 12.48 -23.75
CA VAL D 77 -2.73 11.08 -23.40
C VAL D 77 -3.32 10.70 -22.05
N GLY D 78 -3.26 11.61 -21.08
CA GLY D 78 -3.76 11.34 -19.74
C GLY D 78 -4.15 12.61 -19.01
N VAL D 79 -4.90 12.47 -17.92
CA VAL D 79 -5.34 13.64 -17.16
C VAL D 79 -5.21 13.45 -15.65
N HIS D 80 -4.86 14.53 -14.96
CA HIS D 80 -4.94 14.55 -13.50
C HIS D 80 -6.35 14.98 -13.12
N ILE D 81 -6.91 14.45 -12.04
CA ILE D 81 -8.31 14.76 -11.73
C ILE D 81 -8.43 15.77 -10.59
N ARG D 82 -9.27 16.79 -10.78
CA ARG D 82 -9.65 17.68 -9.70
C ARG D 82 -11.16 17.65 -9.49
N VAL D 83 -11.57 17.05 -8.38
CA VAL D 83 -12.97 16.72 -8.11
C VAL D 83 -13.65 17.70 -7.14
N ARG D 84 -14.82 18.17 -7.55
CA ARG D 84 -15.72 18.92 -6.69
C ARG D 84 -16.96 18.07 -6.46
N ALA D 85 -17.13 17.55 -5.25
CA ALA D 85 -18.23 16.63 -4.95
C ALA D 85 -18.87 16.81 -3.59
N PRO D 86 -19.82 17.74 -3.46
CA PRO D 86 -20.51 17.86 -2.17
C PRO D 86 -21.30 16.60 -1.81
N GLY D 87 -21.83 15.88 -2.80
CA GLY D 87 -22.53 14.61 -2.53
C GLY D 87 -23.88 14.59 -1.82
N GLY D 88 -24.93 15.16 -2.40
CA GLY D 88 -25.01 15.40 -3.83
C GLY D 88 -26.00 14.47 -4.50
N SER D 89 -26.36 14.76 -5.74
CA SER D 89 -27.16 13.84 -6.58
C SER D 89 -28.62 13.50 -6.20
N LYS D 90 -29.56 14.30 -6.69
CA LYS D 90 -31.00 14.07 -6.52
C LYS D 90 -31.48 12.83 -7.28
N SER D 91 -30.52 12.14 -7.91
CA SER D 91 -30.75 10.87 -8.59
C SER D 91 -30.72 9.70 -7.61
N LYS D 92 -31.70 8.81 -7.72
CA LYS D 92 -31.86 7.69 -6.80
C LYS D 92 -31.00 6.49 -7.18
N THR D 93 -30.18 6.68 -8.21
CA THR D 93 -29.21 5.67 -8.64
C THR D 93 -27.97 5.93 -7.78
N PRO D 94 -27.70 5.04 -6.81
CA PRO D 94 -26.79 5.24 -5.68
C PRO D 94 -25.31 5.56 -5.94
N GLY D 95 -24.73 5.25 -7.09
CA GLY D 95 -23.32 5.51 -7.26
C GLY D 95 -22.99 7.00 -7.37
N PRO D 96 -21.80 7.39 -6.87
CA PRO D 96 -21.35 8.79 -6.98
C PRO D 96 -20.91 9.15 -8.39
N GLY D 97 -21.38 10.31 -8.86
CA GLY D 97 -21.10 10.76 -10.21
C GLY D 97 -19.63 10.83 -10.58
N ALA D 98 -18.86 11.51 -9.74
CA ALA D 98 -17.45 11.78 -10.03
C ALA D 98 -16.63 10.50 -10.18
N GLN D 99 -16.85 9.53 -9.32
CA GLN D 99 -16.10 8.30 -9.39
C GLN D 99 -16.42 7.58 -10.70
N ALA D 100 -17.70 7.55 -11.06
CA ALA D 100 -18.15 6.93 -12.29
C ALA D 100 -17.57 7.62 -13.51
N ALA D 101 -17.50 8.94 -13.46
CA ALA D 101 -16.90 9.72 -14.53
C ALA D 101 -15.42 9.39 -14.69
N ILE D 102 -14.69 9.28 -13.56
CA ILE D 102 -13.27 8.91 -13.59
C ILE D 102 -13.08 7.55 -14.24
N ARG D 103 -13.89 6.58 -13.80
CA ARG D 103 -13.84 5.24 -14.37
C ARG D 103 -14.11 5.28 -15.88
N ALA D 104 -15.08 6.10 -16.29
CA ALA D 104 -15.43 6.21 -17.71
C ALA D 104 -14.30 6.83 -18.52
N LEU D 105 -13.62 7.82 -17.93
CA LEU D 105 -12.47 8.45 -18.57
C LEU D 105 -11.41 7.39 -18.82
N ALA D 106 -11.19 6.54 -17.82
CA ALA D 106 -10.20 5.48 -17.98
C ALA D 106 -10.61 4.52 -19.09
N ARG D 107 -11.87 4.10 -19.08
CA ARG D 107 -12.34 3.13 -20.07
C ARG D 107 -12.27 3.68 -21.48
N ALA D 108 -12.36 4.99 -21.64
CA ALA D 108 -12.31 5.59 -22.96
C ALA D 108 -10.88 5.67 -23.50
N GLY D 109 -9.91 5.30 -22.67
CA GLY D 109 -8.51 5.28 -23.09
C GLY D 109 -7.58 6.33 -22.49
N LEU D 110 -8.08 7.15 -21.58
CA LEU D 110 -7.22 8.11 -20.89
C LEU D 110 -6.41 7.49 -19.76
N LYS D 111 -5.17 7.93 -19.62
CA LYS D 111 -4.38 7.56 -18.46
C LYS D 111 -4.85 8.44 -17.30
N ILE D 112 -4.87 7.87 -16.10
CA ILE D 112 -5.30 8.65 -14.95
C ILE D 112 -4.13 8.92 -14.04
N GLY D 113 -3.91 10.20 -13.73
CA GLY D 113 -2.81 10.64 -12.87
C GLY D 113 -3.26 10.81 -11.44
N ARG D 114 -2.72 11.83 -10.78
CA ARG D 114 -3.15 12.20 -9.44
C ARG D 114 -4.65 12.47 -9.37
N VAL D 115 -5.28 12.06 -8.28
CA VAL D 115 -6.69 12.33 -8.06
C VAL D 115 -6.85 13.18 -6.79
N GLU D 116 -7.30 14.42 -6.95
CA GLU D 116 -7.34 15.36 -5.85
C GLU D 116 -8.75 15.88 -5.54
N ASP D 117 -9.08 16.00 -4.26
CA ASP D 117 -10.36 16.56 -3.86
C ASP D 117 -10.21 18.05 -3.59
N VAL D 118 -10.75 18.85 -4.50
CA VAL D 118 -10.80 20.32 -4.42
C VAL D 118 -12.19 20.85 -4.04
N THR D 119 -13.05 19.99 -3.50
CA THR D 119 -14.44 20.36 -3.22
C THR D 119 -14.52 21.71 -2.53
N PRO D 120 -15.25 22.66 -3.14
CA PRO D 120 -15.28 24.07 -2.74
C PRO D 120 -16.01 24.29 -1.43
N ILE D 121 -15.44 25.12 -0.56
CA ILE D 121 -16.09 25.45 0.70
C ILE D 121 -16.47 26.93 0.81
N PRO D 122 -17.79 27.20 0.86
CA PRO D 122 -18.31 28.57 0.99
C PRO D 122 -17.85 29.18 2.32
N HIS D 123 -17.29 30.39 2.31
CA HIS D 123 -16.92 31.05 3.56
C HIS D 123 -16.96 32.59 3.61
N ASP D 124 -16.41 33.12 4.70
CA ASP D 124 -16.48 34.51 5.17
C ASP D 124 -17.82 34.99 5.70
N GLY D 125 -18.53 34.08 6.35
CA GLY D 125 -19.56 34.41 7.31
C GLY D 125 -18.86 34.12 8.63
N THR D 126 -19.61 33.66 9.62
CA THR D 126 -18.99 33.00 10.79
C THR D 126 -18.14 31.82 10.29
N ARG D 127 -17.06 31.51 11.02
CA ARG D 127 -16.16 30.43 10.62
C ARG D 127 -16.26 29.25 11.57
N PRO D 128 -16.65 28.08 11.04
CA PRO D 128 -16.73 26.92 11.92
C PRO D 128 -15.34 26.37 12.25
N LYS D 129 -15.26 25.60 13.32
CA LYS D 129 -14.00 24.98 13.71
C LYS D 129 -13.94 23.58 13.11
N GLY D 130 -12.84 23.30 12.41
CA GLY D 130 -12.72 22.03 11.71
C GLY D 130 -13.57 21.93 10.45
N GLY D 131 -14.03 23.07 9.95
CA GLY D 131 -14.87 23.10 8.76
C GLY D 131 -16.20 22.39 8.92
N ARG D 132 -16.92 22.25 7.82
CA ARG D 132 -18.25 21.65 7.83
C ARG D 132 -18.20 20.14 7.72
N MET E 10 -28.27 -28.03 -9.03
CA MET E 10 -27.87 -27.62 -10.37
C MET E 10 -26.34 -27.65 -10.55
N GLY E 11 -25.66 -26.59 -10.14
CA GLY E 11 -24.21 -26.49 -10.24
C GLY E 11 -23.64 -25.58 -9.17
N MET E 12 -22.36 -25.75 -8.85
CA MET E 12 -21.73 -24.92 -7.83
C MET E 12 -20.55 -24.15 -8.41
N LEU E 13 -20.69 -22.84 -8.51
CA LEU E 13 -19.67 -22.00 -9.09
C LEU E 13 -19.00 -21.21 -7.98
N ILE E 14 -17.74 -21.55 -7.73
CA ILE E 14 -17.00 -21.01 -6.60
C ILE E 14 -15.86 -20.09 -7.02
N ALA E 15 -15.85 -18.86 -6.55
CA ALA E 15 -14.78 -17.93 -6.89
C ALA E 15 -13.69 -17.95 -5.82
N ILE E 16 -12.45 -18.00 -6.26
CA ILE E 16 -11.30 -17.88 -5.37
C ILE E 16 -10.63 -16.58 -5.70
N THR E 17 -10.74 -15.60 -4.80
CA THR E 17 -10.23 -14.27 -5.10
C THR E 17 -9.32 -13.78 -3.98
N GLY E 18 -8.71 -12.63 -4.20
CA GLY E 18 -7.86 -12.02 -3.20
C GLY E 18 -6.75 -11.23 -3.86
N THR E 19 -5.97 -10.54 -3.05
CA THR E 19 -4.88 -9.71 -3.53
C THR E 19 -3.89 -10.55 -4.30
N PRO E 20 -3.34 -10.00 -5.40
CA PRO E 20 -2.27 -10.67 -6.13
C PRO E 20 -1.16 -11.14 -5.21
N GLY E 21 -0.75 -12.39 -5.36
CA GLY E 21 0.30 -12.95 -4.52
C GLY E 21 -0.20 -13.74 -3.33
N VAL E 22 -1.50 -13.68 -3.06
CA VAL E 22 -2.05 -14.30 -1.86
C VAL E 22 -2.15 -15.83 -1.98
N GLY E 23 -2.01 -16.36 -3.20
CA GLY E 23 -2.13 -17.79 -3.40
C GLY E 23 -3.39 -18.33 -4.07
N LYS E 24 -4.12 -17.45 -4.74
CA LYS E 24 -5.34 -17.85 -5.47
C LYS E 24 -5.16 -19.10 -6.36
N THR E 25 -4.12 -19.11 -7.20
CA THR E 25 -3.95 -20.19 -8.18
C THR E 25 -3.61 -21.51 -7.49
N THR E 26 -2.68 -21.45 -6.53
CA THR E 26 -2.29 -22.60 -5.71
C THR E 26 -3.51 -23.26 -5.05
N ILE E 27 -4.27 -22.44 -4.32
CA ILE E 27 -5.42 -22.90 -3.56
C ILE E 27 -6.54 -23.40 -4.48
N ALA E 28 -6.78 -22.69 -5.58
CA ALA E 28 -7.86 -23.07 -6.49
C ALA E 28 -7.57 -24.41 -7.13
N LYS E 29 -6.31 -24.61 -7.54
CA LYS E 29 -5.93 -25.88 -8.14
C LYS E 29 -6.09 -27.02 -7.15
N LEU E 30 -5.53 -26.84 -5.95
CA LEU E 30 -5.63 -27.91 -4.96
C LEU E 30 -7.09 -28.21 -4.59
N LEU E 31 -7.88 -27.16 -4.44
CA LEU E 31 -9.28 -27.28 -4.03
C LEU E 31 -10.12 -27.96 -5.10
N ALA E 32 -9.92 -27.57 -6.35
CA ALA E 32 -10.65 -28.19 -7.45
C ALA E 32 -10.28 -29.66 -7.53
N GLU E 33 -9.00 -29.95 -7.31
CA GLU E 33 -8.54 -31.33 -7.32
C GLU E 33 -9.21 -32.15 -6.21
N LYS E 34 -9.28 -31.59 -5.01
CA LYS E 34 -9.84 -32.31 -3.87
C LYS E 34 -11.35 -32.47 -3.95
N LEU E 35 -12.03 -31.48 -4.54
CA LEU E 35 -13.49 -31.50 -4.65
C LEU E 35 -13.98 -32.31 -5.84
N GLY E 36 -13.08 -32.57 -6.79
CA GLY E 36 -13.48 -33.21 -8.04
C GLY E 36 -14.19 -32.21 -8.93
N TYR E 37 -14.02 -30.93 -8.62
CA TYR E 37 -14.53 -29.86 -9.47
C TYR E 37 -13.49 -29.61 -10.54
N GLU E 38 -13.78 -28.72 -11.47
CA GLU E 38 -12.76 -28.38 -12.45
C GLU E 38 -12.22 -26.99 -12.27
N TYR E 39 -10.92 -26.86 -12.47
CA TYR E 39 -10.24 -25.60 -12.32
C TYR E 39 -10.44 -24.78 -13.58
N VAL E 40 -10.80 -23.51 -13.42
CA VAL E 40 -10.86 -22.59 -14.54
C VAL E 40 -10.18 -21.28 -14.16
N ASN E 41 -9.15 -20.90 -14.89
CA ASN E 41 -8.50 -19.60 -14.70
C ASN E 41 -9.27 -18.53 -15.46
N LEU E 42 -9.75 -17.52 -14.73
CA LEU E 42 -10.68 -16.53 -15.29
C LEU E 42 -10.05 -15.77 -16.47
N ARG E 43 -8.77 -15.43 -16.33
CA ARG E 43 -8.05 -14.76 -17.41
C ARG E 43 -8.00 -15.62 -18.68
N ASP E 44 -7.55 -16.86 -18.53
CA ASP E 44 -7.41 -17.77 -19.66
C ASP E 44 -8.77 -18.01 -20.31
N PHE E 45 -9.80 -18.16 -19.49
CA PHE E 45 -11.18 -18.32 -19.95
C PHE E 45 -11.62 -17.09 -20.76
N ALA E 46 -11.26 -15.91 -20.28
CA ALA E 46 -11.60 -14.67 -20.95
C ALA E 46 -10.96 -14.58 -22.33
N LEU E 47 -9.70 -15.00 -22.39
CA LEU E 47 -8.96 -14.97 -23.64
C LEU E 47 -9.54 -16.00 -24.61
N GLU E 48 -9.90 -17.16 -24.08
CA GLU E 48 -10.44 -18.24 -24.90
C GLU E 48 -11.77 -17.84 -25.54
N LYS E 49 -12.57 -17.07 -24.79
CA LYS E 49 -13.89 -16.68 -25.26
C LYS E 49 -13.85 -15.44 -26.15
N GLY E 50 -12.67 -14.86 -26.33
CA GLY E 50 -12.51 -13.75 -27.25
C GLY E 50 -12.78 -12.38 -26.63
N CYS E 51 -12.87 -12.33 -25.31
CA CYS E 51 -13.06 -11.08 -24.58
C CYS E 51 -11.84 -10.15 -24.62
N GLY E 52 -10.62 -10.70 -24.62
CA GLY E 52 -9.43 -9.86 -24.62
C GLY E 52 -9.33 -9.13 -25.95
N ARG E 53 -9.10 -7.83 -25.90
CA ARG E 53 -9.01 -6.98 -27.08
C ARG E 53 -7.70 -6.19 -27.19
N GLU E 54 -7.10 -6.22 -28.39
CA GLU E 54 -5.83 -5.55 -28.66
C GLU E 54 -4.72 -6.01 -27.71
N ASP E 56 -3.33 -0.71 -27.22
CA ASP E 56 -2.10 -1.38 -27.61
C ASP E 56 -0.98 -1.06 -26.63
N GLY E 57 -0.10 -2.02 -26.39
CA GLY E 57 -0.26 -3.37 -26.92
C GLY E 57 -0.66 -4.37 -25.84
N GLU E 58 -1.10 -3.85 -24.70
CA GLU E 58 -1.52 -4.69 -23.59
C GLU E 58 -2.92 -5.21 -23.90
N VAL E 59 -3.30 -6.32 -23.27
CA VAL E 59 -4.60 -6.92 -23.57
C VAL E 59 -5.62 -6.68 -22.45
N GLU E 60 -6.62 -5.87 -22.78
CA GLU E 60 -7.70 -5.47 -21.89
C GLU E 60 -9.01 -6.22 -22.17
N VAL E 61 -9.77 -6.55 -21.13
CA VAL E 61 -11.05 -7.23 -21.33
C VAL E 61 -12.19 -6.44 -20.72
N GLU E 62 -13.40 -6.79 -21.12
CA GLU E 62 -14.59 -6.07 -20.69
C GLU E 62 -15.32 -6.87 -19.60
N ILE E 63 -15.42 -6.27 -18.42
CA ILE E 63 -15.90 -7.00 -17.24
C ILE E 63 -17.33 -7.55 -17.39
N ASP E 64 -18.26 -6.71 -17.84
CA ASP E 64 -19.64 -7.15 -18.03
C ASP E 64 -19.75 -8.26 -19.07
N GLU E 65 -18.99 -8.16 -20.15
CA GLU E 65 -19.01 -9.18 -21.19
C GLU E 65 -18.51 -10.51 -20.61
N LEU E 66 -17.40 -10.44 -19.87
CA LEU E 66 -16.84 -11.62 -19.24
C LEU E 66 -17.83 -12.24 -18.25
N ALA E 67 -18.55 -11.41 -17.53
CA ALA E 67 -19.55 -11.88 -16.58
C ALA E 67 -20.64 -12.62 -17.32
N TYR E 68 -21.05 -12.05 -18.45
CA TYR E 68 -22.07 -12.63 -19.30
C TYR E 68 -21.62 -14.03 -19.74
N PHE E 69 -20.39 -14.13 -20.21
CA PHE E 69 -19.85 -15.41 -20.65
C PHE E 69 -19.75 -16.42 -19.52
N VAL E 70 -19.31 -15.98 -18.34
CA VAL E 70 -19.25 -16.85 -17.18
C VAL E 70 -20.63 -17.41 -16.87
N GLU E 71 -21.64 -16.53 -16.89
CA GLU E 71 -23.02 -16.93 -16.66
C GLU E 71 -23.48 -17.96 -17.69
N LYS E 72 -23.17 -17.73 -18.95
CA LYS E 72 -23.61 -18.62 -20.03
C LYS E 72 -22.95 -20.00 -19.93
N GLU E 73 -21.63 -19.99 -19.87
CA GLU E 73 -20.83 -21.19 -19.98
C GLU E 73 -20.63 -22.00 -18.69
N LEU E 74 -20.37 -21.31 -17.59
CA LEU E 74 -19.98 -21.99 -16.35
C LEU E 74 -21.04 -22.20 -15.27
N LYS E 75 -22.25 -21.70 -15.50
CA LYS E 75 -23.21 -21.56 -14.40
C LYS E 75 -23.67 -22.91 -13.85
N ASP E 76 -24.02 -23.82 -14.77
CA ASP E 76 -24.65 -25.09 -14.43
C ASP E 76 -23.61 -26.16 -14.11
N ARG E 77 -22.36 -25.74 -13.97
CA ARG E 77 -21.27 -26.68 -13.78
C ARG E 77 -20.67 -26.54 -12.38
N ASN E 78 -19.72 -27.42 -12.03
CA ASN E 78 -19.03 -27.29 -10.76
C ASN E 78 -17.61 -26.86 -11.04
N VAL E 79 -17.33 -25.60 -10.74
CA VAL E 79 -16.12 -24.93 -11.21
C VAL E 79 -15.48 -24.14 -10.09
N VAL E 80 -14.17 -24.28 -9.97
CA VAL E 80 -13.40 -23.40 -9.13
C VAL E 80 -12.79 -22.35 -10.05
N LEU E 81 -13.23 -21.11 -9.88
CA LEU E 81 -12.86 -20.01 -10.76
C LEU E 81 -11.76 -19.19 -10.10
N ASP E 82 -10.62 -19.08 -10.77
CA ASP E 82 -9.43 -18.47 -10.19
C ASP E 82 -9.13 -17.11 -10.79
N GLY E 83 -9.20 -16.08 -9.95
CA GLY E 83 -8.76 -14.76 -10.36
C GLY E 83 -9.14 -13.68 -9.38
N HIS E 84 -8.47 -12.54 -9.47
CA HIS E 84 -8.74 -11.43 -8.59
C HIS E 84 -9.99 -10.66 -9.04
N LEU E 85 -10.52 -11.03 -10.21
CA LEU E 85 -11.80 -10.52 -10.67
C LEU E 85 -12.96 -11.49 -10.46
N SER E 86 -12.67 -12.69 -9.95
CA SER E 86 -13.65 -13.76 -9.92
C SER E 86 -14.89 -13.43 -9.10
N HIS E 87 -14.73 -12.60 -8.08
CA HIS E 87 -15.85 -12.25 -7.21
C HIS E 87 -16.79 -11.26 -7.89
N LEU E 88 -16.36 -10.66 -8.99
CA LEU E 88 -17.20 -9.75 -9.76
C LEU E 88 -18.02 -10.52 -10.80
N MET E 89 -17.80 -11.83 -10.84
CA MET E 89 -18.52 -12.70 -11.75
C MET E 89 -19.80 -13.20 -11.07
N PRO E 90 -20.78 -13.62 -11.87
CA PRO E 90 -22.00 -14.11 -11.23
C PRO E 90 -21.82 -15.52 -10.64
N VAL E 91 -21.10 -15.63 -9.52
CA VAL E 91 -20.86 -16.95 -8.93
C VAL E 91 -21.86 -17.24 -7.81
N ASP E 92 -21.84 -18.49 -7.32
CA ASP E 92 -22.68 -18.93 -6.21
C ASP E 92 -22.04 -18.70 -4.84
N LEU E 93 -20.72 -18.80 -4.81
CA LEU E 93 -19.95 -18.68 -3.58
C LEU E 93 -18.62 -17.98 -3.86
N VAL E 94 -18.24 -17.08 -2.96
CA VAL E 94 -16.98 -16.35 -3.07
C VAL E 94 -16.07 -16.75 -1.93
N VAL E 95 -14.84 -17.14 -2.22
CA VAL E 95 -13.87 -17.32 -1.16
C VAL E 95 -12.80 -16.25 -1.28
N VAL E 96 -12.64 -15.45 -0.24
CA VAL E 96 -11.61 -14.40 -0.25
C VAL E 96 -10.42 -14.87 0.59
N LEU E 97 -9.28 -15.04 -0.07
CA LEU E 97 -8.07 -15.42 0.64
C LEU E 97 -7.36 -14.17 1.13
N ARG E 98 -6.89 -14.23 2.37
CA ARG E 98 -6.17 -13.14 2.98
C ARG E 98 -4.78 -13.63 3.37
N ALA E 99 -3.82 -12.71 3.43
CA ALA E 99 -2.48 -13.03 3.91
C ALA E 99 -1.89 -11.79 4.56
N HIS E 100 -1.01 -11.99 5.54
CA HIS E 100 -0.28 -10.89 6.16
C HIS E 100 0.38 -10.07 5.05
N PRO E 101 0.09 -8.77 5.00
CA PRO E 101 0.57 -7.96 3.88
C PRO E 101 2.09 -8.01 3.66
N ARG E 102 2.88 -8.32 4.69
CA ARG E 102 4.32 -8.44 4.52
C ARG E 102 4.58 -9.61 3.58
N ILE E 103 3.78 -10.66 3.71
CA ILE E 103 3.90 -11.85 2.85
C ILE E 103 3.60 -11.51 1.39
N ILE E 104 2.53 -10.73 1.18
CA ILE E 104 2.20 -10.22 -0.15
C ILE E 104 3.39 -9.45 -0.69
N GLY E 105 3.97 -8.58 0.15
CA GLY E 105 5.11 -7.76 -0.21
C GLY E 105 6.31 -8.58 -0.65
N GLU E 106 6.65 -9.59 0.14
CA GLU E 106 7.78 -10.45 -0.17
C GLU E 106 7.56 -11.17 -1.49
N ARG E 107 6.36 -11.73 -1.64
CA ARG E 107 6.02 -12.51 -2.82
C ARG E 107 6.00 -11.69 -4.11
N LEU E 108 5.48 -10.48 -4.03
CA LEU E 108 5.43 -9.62 -5.21
C LEU E 108 6.82 -9.06 -5.49
N ARG E 109 7.65 -8.97 -4.46
CA ARG E 109 9.03 -8.51 -4.64
C ARG E 109 9.79 -9.59 -5.40
N GLU E 110 9.54 -10.85 -5.05
CA GLU E 110 10.20 -11.98 -5.71
C GLU E 110 9.80 -12.06 -7.19
N ARG E 111 8.64 -11.51 -7.51
CA ARG E 111 8.16 -11.42 -8.89
C ARG E 111 8.88 -10.37 -9.72
N GLY E 112 9.55 -9.44 -9.04
CA GLY E 112 10.30 -8.39 -9.70
C GLY E 112 9.48 -7.12 -9.92
N TYR E 113 8.39 -6.99 -9.19
CA TYR E 113 7.57 -5.78 -9.28
C TYR E 113 8.31 -4.54 -8.80
N SER E 114 7.89 -3.39 -9.30
CA SER E 114 8.39 -2.11 -8.84
C SER E 114 7.85 -1.81 -7.45
N LYS E 115 8.52 -0.90 -6.73
CA LYS E 115 8.08 -0.51 -5.40
C LYS E 115 6.64 -0.04 -5.38
N GLU E 116 6.26 0.75 -6.37
CA GLU E 116 4.91 1.30 -6.39
C GLU E 116 3.86 0.21 -6.54
N LYS E 117 4.12 -0.78 -7.38
CA LYS E 117 3.14 -1.84 -7.63
C LYS E 117 3.01 -2.75 -6.42
N ILE E 118 4.16 -3.11 -5.85
CA ILE E 118 4.20 -3.85 -4.60
C ILE E 118 3.39 -3.11 -3.54
N GLY E 119 3.68 -1.82 -3.39
CA GLY E 119 3.04 -1.00 -2.38
C GLY E 119 1.54 -0.93 -2.53
N GLU E 120 1.07 -0.72 -3.76
CA GLU E 120 -0.35 -0.61 -4.00
C GLU E 120 -1.03 -1.94 -3.67
N ASN E 121 -0.42 -3.06 -4.04
CA ASN E 121 -1.05 -4.33 -3.71
C ASN E 121 -1.02 -4.67 -2.22
N VAL E 122 0.08 -4.31 -1.55
CA VAL E 122 0.20 -4.49 -0.11
C VAL E 122 -0.83 -3.66 0.63
N GLU E 123 -1.01 -2.41 0.21
CA GLU E 123 -2.04 -1.54 0.80
C GLU E 123 -3.44 -2.12 0.51
N ALA E 124 -3.63 -2.69 -0.67
CA ALA E 124 -4.92 -3.26 -1.03
C ALA E 124 -5.25 -4.40 -0.08
N GLU E 125 -4.23 -5.17 0.28
CA GLU E 125 -4.45 -6.25 1.24
C GLU E 125 -4.69 -5.67 2.63
N LEU E 126 -3.99 -4.58 2.95
CA LEU E 126 -4.18 -3.89 4.24
C LEU E 126 -5.62 -3.38 4.45
N VAL E 127 -6.22 -2.81 3.40
CA VAL E 127 -7.54 -2.19 3.53
C VAL E 127 -8.73 -3.08 3.14
N ASP E 128 -8.48 -4.37 2.89
CA ASP E 128 -9.55 -5.32 2.57
C ASP E 128 -10.29 -4.96 1.27
N ALA E 129 -9.58 -4.46 0.27
CA ALA E 129 -10.22 -3.96 -0.95
C ALA E 129 -11.07 -5.03 -1.65
N ILE E 130 -10.45 -6.19 -1.93
CA ILE E 130 -11.17 -7.28 -2.57
C ILE E 130 -12.36 -7.70 -1.71
N LEU E 131 -12.15 -7.86 -0.41
CA LEU E 131 -13.22 -8.28 0.50
C LEU E 131 -14.42 -7.34 0.44
N ILE E 132 -14.13 -6.04 0.48
CA ILE E 132 -15.17 -5.04 0.42
C ILE E 132 -15.96 -5.15 -0.89
N GLU E 133 -15.23 -5.33 -2.00
CA GLU E 133 -15.91 -5.56 -3.29
C GLU E 133 -16.82 -6.79 -3.26
N ALA E 134 -16.29 -7.89 -2.75
CA ALA E 134 -17.03 -9.16 -2.71
C ALA E 134 -18.31 -9.01 -1.89
N ILE E 135 -18.18 -8.40 -0.71
CA ILE E 135 -19.32 -8.18 0.17
C ILE E 135 -20.35 -7.30 -0.53
N ASP E 136 -19.88 -6.34 -1.33
CA ASP E 136 -20.82 -5.50 -2.09
C ASP E 136 -21.57 -6.31 -3.16
N GLU E 137 -20.88 -7.23 -3.81
CA GLU E 137 -21.48 -8.01 -4.91
C GLU E 137 -22.32 -9.24 -4.51
N HIS E 138 -21.93 -9.94 -3.45
CA HIS E 138 -22.56 -11.21 -3.13
C HIS E 138 -22.88 -11.36 -1.66
N GLU E 139 -23.91 -12.13 -1.32
CA GLU E 139 -24.22 -12.39 0.07
C GLU E 139 -23.32 -13.49 0.63
N ASN E 140 -22.98 -14.48 -0.19
CA ASN E 140 -22.21 -15.60 0.31
C ASN E 140 -20.73 -15.39 0.07
N VAL E 141 -20.01 -15.08 1.14
CA VAL E 141 -18.59 -14.76 1.09
C VAL E 141 -17.88 -15.41 2.28
N ILE E 142 -16.87 -16.21 1.99
CA ILE E 142 -16.12 -16.92 3.02
C ILE E 142 -14.69 -16.42 3.03
N GLU E 143 -14.30 -15.82 4.14
CA GLU E 143 -12.97 -15.25 4.27
C GLU E 143 -12.06 -16.29 4.92
N VAL E 144 -10.85 -16.43 4.40
CA VAL E 144 -9.90 -17.39 4.96
C VAL E 144 -8.51 -16.78 5.08
N ASP E 145 -7.95 -16.82 6.28
CA ASP E 145 -6.60 -16.30 6.49
C ASP E 145 -5.60 -17.39 6.16
N THR E 146 -4.74 -17.13 5.19
CA THR E 146 -3.78 -18.13 4.71
C THR E 146 -2.46 -18.09 5.49
N THR E 147 -2.31 -17.09 6.35
CA THR E 147 -1.06 -16.85 7.07
C THR E 147 -0.60 -18.05 7.89
N ASN E 148 0.65 -18.45 7.68
CA ASN E 148 1.27 -19.59 8.38
C ASN E 148 0.55 -20.93 8.15
N LYS E 149 -0.11 -21.06 7.01
CA LYS E 149 -0.79 -22.32 6.69
C LYS E 149 -0.31 -22.89 5.38
N THR E 150 -0.34 -24.22 5.28
CA THR E 150 -0.03 -24.89 4.03
C THR E 150 -1.29 -24.89 3.19
N PRO E 151 -1.15 -24.97 1.86
CA PRO E 151 -2.31 -25.04 0.94
C PRO E 151 -3.27 -26.17 1.30
N GLU E 152 -2.72 -27.26 1.84
CA GLU E 152 -3.50 -28.42 2.22
C GLU E 152 -4.44 -28.05 3.37
N GLU E 153 -3.87 -27.40 4.39
CA GLU E 153 -4.64 -26.96 5.55
C GLU E 153 -5.70 -25.93 5.15
N ILE E 154 -5.34 -25.05 4.22
CA ILE E 154 -6.25 -24.00 3.74
C ILE E 154 -7.46 -24.61 3.01
N VAL E 155 -7.16 -25.53 2.09
CA VAL E 155 -8.19 -26.23 1.33
C VAL E 155 -9.08 -27.03 2.27
N GLU E 156 -8.46 -27.67 3.25
CA GLU E 156 -9.21 -28.47 4.22
C GLU E 156 -10.14 -27.58 5.04
N GLU E 157 -9.66 -26.39 5.38
CA GLU E 157 -10.47 -25.39 6.07
C GLU E 157 -11.69 -24.99 5.24
N ILE E 158 -11.45 -24.68 3.97
CA ILE E 158 -12.49 -24.26 3.06
C ILE E 158 -13.57 -25.34 2.91
N ILE E 159 -13.15 -26.55 2.58
CA ILE E 159 -14.08 -27.66 2.38
C ILE E 159 -14.86 -27.89 3.67
N GLY E 160 -14.17 -27.79 4.80
CA GLY E 160 -14.82 -27.90 6.10
C GLY E 160 -15.93 -26.89 6.26
N LEU E 161 -15.65 -25.65 5.87
CA LEU E 161 -16.65 -24.59 5.97
C LEU E 161 -17.84 -24.79 5.04
N ILE E 162 -17.57 -25.26 3.83
CA ILE E 162 -18.64 -25.47 2.86
C ILE E 162 -19.57 -26.60 3.30
N LYS E 163 -18.98 -27.68 3.81
CA LYS E 163 -19.76 -28.84 4.23
C LYS E 163 -20.48 -28.65 5.58
N SER E 164 -20.16 -27.56 6.27
CA SER E 164 -20.70 -27.31 7.60
C SER E 164 -22.23 -27.07 7.67
N GLY E 165 -22.86 -26.48 6.66
CA GLY E 165 -22.25 -25.59 5.69
C GLY E 165 -22.34 -24.15 6.13
N VAL E 166 -21.34 -23.36 5.77
CA VAL E 166 -21.33 -21.94 6.09
C VAL E 166 -21.40 -21.14 4.80
N LYS E 167 -22.42 -20.30 4.67
CA LYS E 167 -22.51 -19.46 3.48
C LYS E 167 -21.73 -18.15 3.61
N ARG E 168 -21.59 -17.66 4.84
CA ARG E 168 -20.91 -16.39 5.05
C ARG E 168 -20.03 -16.31 6.30
N ARG E 169 -18.74 -16.02 6.11
CA ARG E 169 -17.86 -15.67 7.22
C ARG E 169 -16.92 -14.53 6.80
N VAL E 170 -17.05 -13.36 7.44
CA VAL E 170 -16.22 -12.20 7.08
C VAL E 170 -15.75 -11.44 8.32
N GLY E 171 -14.69 -10.66 8.18
CA GLY E 171 -14.23 -9.84 9.28
C GLY E 171 -13.27 -10.58 10.20
N ILE E 172 -12.61 -11.61 9.70
CA ILE E 172 -11.78 -12.45 10.55
C ILE E 172 -10.32 -12.00 10.65
N VAL E 173 -9.89 -11.07 9.80
CA VAL E 173 -8.57 -10.49 9.96
C VAL E 173 -8.67 -8.97 9.98
N ASP E 174 -7.86 -8.34 10.83
CA ASP E 174 -7.67 -6.90 10.83
C ASP E 174 -6.16 -6.61 10.80
N TRP E 175 -5.69 -6.12 9.65
CA TRP E 175 -4.26 -5.98 9.43
C TRP E 175 -3.71 -4.66 9.98
N SER E 176 -4.60 -3.80 10.44
CA SER E 176 -4.16 -2.55 11.07
C SER E 176 -3.27 -2.92 12.26
N GLU E 177 -3.57 -4.04 12.91
CA GLU E 177 -2.80 -4.51 14.06
C GLU E 177 -1.34 -4.75 13.71
N VAL E 178 -1.07 -5.15 12.47
CA VAL E 178 0.31 -5.37 12.03
C VAL E 178 0.89 -4.21 11.23
N TYR E 179 0.19 -3.08 11.22
CA TYR E 179 0.60 -1.92 10.42
C TYR E 179 2.09 -1.59 10.57
N ASP E 180 2.59 -1.54 11.81
CA ASP E 180 3.99 -1.20 12.06
C ASP E 180 4.94 -2.13 11.31
N GLU E 181 4.59 -3.41 11.23
CA GLU E 181 5.40 -4.40 10.52
C GLU E 181 5.47 -4.18 9.01
N ILE E 182 4.46 -3.58 8.41
CA ILE E 182 4.43 -3.48 6.95
C ILE E 182 4.84 -2.11 6.38
N ILE E 183 5.24 -1.18 7.23
CA ILE E 183 5.61 0.16 6.79
C ILE E 183 6.65 0.23 5.65
N PRO E 184 7.70 -0.62 5.68
CA PRO E 184 8.65 -0.57 4.56
C PRO E 184 8.04 -0.81 3.16
N TYR E 185 6.91 -1.48 3.08
CA TYR E 185 6.29 -1.73 1.77
C TYR E 185 5.32 -0.65 1.32
N LEU E 186 4.90 0.21 2.24
CA LEU E 186 3.84 1.18 1.95
C LEU E 186 4.34 2.35 1.11
N ARG E 187 3.42 3.07 0.47
CA ARG E 187 3.87 4.22 -0.29
C ARG E 187 3.68 5.45 0.57
N LEU E 188 4.75 5.83 1.27
CA LEU E 188 4.71 6.93 2.21
C LEU E 188 5.48 8.16 1.73
N GLY E 189 6.13 8.04 0.59
CA GLY E 189 7.09 9.05 0.15
C GLY E 189 6.45 10.33 -0.35
N GLY E 190 7.06 11.46 -0.02
CA GLY E 190 6.58 12.75 -0.48
C GLY E 190 6.90 12.97 -1.95
N GLU F 12 6.58 27.40 8.13
CA GLU F 12 5.84 26.43 8.94
C GLU F 12 6.11 25.00 8.49
N LYS F 13 6.08 24.08 9.44
CA LYS F 13 6.42 22.68 9.17
C LYS F 13 5.19 21.88 8.77
N TRP F 14 5.27 21.19 7.62
CA TRP F 14 4.13 20.45 7.10
C TRP F 14 4.38 18.95 7.09
N GLY F 15 3.35 18.18 7.42
CA GLY F 15 3.40 16.73 7.30
C GLY F 15 2.49 16.12 6.25
N ILE F 16 2.39 14.80 6.33
CA ILE F 16 1.48 14.03 5.50
C ILE F 16 0.66 13.12 6.38
N ALA F 17 -0.66 13.20 6.28
CA ALA F 17 -1.53 12.29 7.01
C ALA F 17 -2.03 11.20 6.05
N HIS F 18 -1.56 9.99 6.28
CA HIS F 18 -2.00 8.84 5.53
C HIS F 18 -3.21 8.26 6.26
N ILE F 19 -4.34 8.20 5.57
CA ILE F 19 -5.58 7.76 6.18
C ILE F 19 -6.07 6.49 5.50
N TYR F 20 -6.26 5.43 6.27
CA TYR F 20 -6.67 4.14 5.72
C TYR F 20 -8.04 3.78 6.27
N SER F 21 -9.01 3.60 5.39
CA SER F 21 -10.34 3.17 5.79
C SER F 21 -10.51 1.75 5.30
N SER F 22 -10.58 0.79 6.22
CA SER F 22 -10.74 -0.60 5.83
C SER F 22 -12.09 -1.11 6.30
N TYR F 23 -12.36 -2.39 6.07
CA TYR F 23 -13.61 -2.98 6.51
C TYR F 23 -13.69 -3.02 8.04
N ASN F 24 -12.57 -3.35 8.68
CA ASN F 24 -12.54 -3.56 10.13
C ASN F 24 -12.02 -2.41 10.98
N ASN F 25 -11.50 -1.35 10.36
CA ASN F 25 -10.78 -0.33 11.12
C ASN F 25 -10.47 0.93 10.33
N THR F 26 -9.84 1.89 11.01
CA THR F 26 -9.32 3.10 10.39
C THR F 26 -7.94 3.39 10.95
N ILE F 27 -7.01 3.82 10.09
CA ILE F 27 -5.65 4.12 10.51
C ILE F 27 -5.29 5.55 10.13
N ILE F 28 -4.68 6.29 11.05
CA ILE F 28 -4.12 7.58 10.73
C ILE F 28 -2.63 7.57 11.05
N HIS F 29 -1.83 7.65 10.00
CA HIS F 29 -0.38 7.63 10.14
C HIS F 29 0.15 8.93 9.60
N ILE F 30 0.62 9.80 10.49
CA ILE F 30 1.15 11.09 10.07
C ILE F 30 2.68 11.01 10.01
N THR F 31 3.24 11.35 8.86
CA THR F 31 4.69 11.42 8.68
C THR F 31 5.14 12.84 8.33
N ASP F 32 6.45 13.02 8.18
CA ASP F 32 6.98 14.29 7.66
C ASP F 32 6.87 14.30 6.14
N ILE F 33 7.30 15.39 5.50
CA ILE F 33 7.18 15.53 4.04
C ILE F 33 7.91 14.43 3.27
N THR F 34 9.03 13.96 3.79
CA THR F 34 9.79 12.92 3.10
C THR F 34 9.10 11.56 3.27
N GLY F 35 8.37 11.40 4.37
CA GLY F 35 7.70 10.15 4.66
C GLY F 35 8.61 9.21 5.41
N ALA F 36 9.82 9.68 5.70
CA ALA F 36 10.84 8.87 6.37
C ALA F 36 10.61 8.80 7.86
N GLU F 37 10.08 9.87 8.45
CA GLU F 37 9.89 9.96 9.89
C GLU F 37 8.42 9.82 10.27
N THR F 38 8.15 8.98 11.26
CA THR F 38 6.77 8.81 11.75
C THR F 38 6.50 9.80 12.88
N ILE F 39 5.61 10.75 12.63
CA ILE F 39 5.18 11.71 13.65
C ILE F 39 4.17 11.12 14.63
N SER F 40 3.13 10.49 14.08
CA SER F 40 2.07 9.89 14.91
C SER F 40 1.39 8.73 14.18
N ARG F 41 1.00 7.71 14.93
CA ARG F 41 0.33 6.55 14.37
C ARG F 41 -0.83 6.06 15.24
N TRP F 42 -2.06 6.13 14.72
CA TRP F 42 -3.24 5.74 15.53
C TRP F 42 -4.29 4.98 14.72
N SER F 43 -4.94 4.01 15.36
CA SER F 43 -6.04 3.28 14.74
C SER F 43 -7.23 3.22 15.68
N GLY F 44 -8.40 2.89 15.14
CA GLY F 44 -9.63 2.80 15.92
C GLY F 44 -9.52 1.79 17.04
N GLY F 45 -8.77 0.73 16.80
CA GLY F 45 -8.57 -0.31 17.80
C GLY F 45 -7.81 0.17 19.03
N MET F 46 -7.06 1.26 18.89
CA MET F 46 -6.32 1.82 20.01
C MET F 46 -7.23 2.67 20.89
N VAL F 47 -8.22 3.31 20.28
CA VAL F 47 -9.10 4.20 21.02
C VAL F 47 -10.48 3.68 21.47
N VAL F 48 -10.96 2.53 20.97
CA VAL F 48 -12.29 2.06 21.43
C VAL F 48 -12.22 0.65 22.00
N LYS F 49 -13.17 0.35 22.90
CA LYS F 49 -13.17 -0.89 23.67
C LYS F 49 -13.67 -2.11 22.90
N ALA F 50 -14.74 -1.94 22.13
CA ALA F 50 -15.40 -3.08 21.51
C ALA F 50 -14.95 -3.26 20.08
N ASP F 51 -14.78 -4.52 19.69
CA ASP F 51 -14.35 -4.87 18.34
C ASP F 51 -15.25 -4.24 17.30
N ARG F 52 -16.55 -4.25 17.56
CA ARG F 52 -17.55 -3.77 16.61
C ARG F 52 -17.53 -2.27 16.36
N ASP F 53 -16.92 -1.51 17.27
CA ASP F 53 -16.91 -0.07 17.11
C ASP F 53 -15.63 0.42 16.42
N GLU F 54 -14.72 -0.50 16.15
CA GLU F 54 -13.45 -0.14 15.50
C GLU F 54 -13.64 0.43 14.07
N PRO F 55 -14.52 -0.18 13.26
CA PRO F 55 -14.81 0.41 11.94
C PRO F 55 -15.59 1.74 12.01
N SER F 56 -16.11 2.07 13.19
CA SER F 56 -16.91 3.29 13.37
C SER F 56 -16.15 4.57 12.99
N PRO F 57 -16.85 5.47 12.29
CA PRO F 57 -16.33 6.80 11.94
C PRO F 57 -16.06 7.66 13.18
N TYR F 58 -16.77 7.38 14.27
CA TYR F 58 -16.53 8.07 15.52
C TYR F 58 -15.14 7.68 16.07
N ALA F 59 -14.81 6.40 15.92
CA ALA F 59 -13.50 5.91 16.31
C ALA F 59 -12.45 6.52 15.40
N ALA F 60 -12.81 6.67 14.13
CA ALA F 60 -11.91 7.29 13.18
C ALA F 60 -11.59 8.72 13.61
N MET F 61 -12.63 9.43 14.03
CA MET F 61 -12.47 10.81 14.52
C MET F 61 -11.60 10.87 15.78
N LEU F 62 -11.81 9.94 16.71
CA LEU F 62 -11.04 9.94 17.95
C LEU F 62 -9.54 9.64 17.70
N ALA F 63 -9.27 8.64 16.87
CA ALA F 63 -7.90 8.30 16.51
C ALA F 63 -7.22 9.47 15.79
N ALA F 64 -7.96 10.11 14.89
CA ALA F 64 -7.44 11.28 14.21
C ALA F 64 -7.11 12.40 15.19
N ARG F 65 -7.97 12.56 16.18
CA ARG F 65 -7.78 13.54 17.25
C ARG F 65 -6.44 13.31 17.97
N ARG F 66 -6.19 12.06 18.36
CA ARG F 66 -4.95 11.71 19.05
C ARG F 66 -3.73 11.99 18.17
N ALA F 67 -3.83 11.58 16.91
CA ALA F 67 -2.74 11.76 15.96
C ALA F 67 -2.41 13.22 15.79
N ALA F 68 -3.46 14.04 15.67
CA ALA F 68 -3.30 15.47 15.49
C ALA F 68 -2.68 16.13 16.71
N GLU F 69 -3.09 15.72 17.92
CA GLU F 69 -2.49 16.30 19.13
C GLU F 69 -1.00 16.05 19.16
N GLU F 70 -0.63 14.78 18.95
CA GLU F 70 0.76 14.38 18.97
C GLU F 70 1.56 15.16 17.91
N ALA F 71 0.97 15.32 16.72
CA ALA F 71 1.64 16.02 15.64
C ALA F 71 1.87 17.48 15.99
N LEU F 72 0.83 18.11 16.52
CA LEU F 72 0.90 19.52 16.91
C LEU F 72 1.97 19.74 17.97
N GLU F 73 2.04 18.84 18.95
CA GLU F 73 3.03 19.00 20.01
C GLU F 73 4.43 18.80 19.45
N LYS F 74 4.53 18.09 18.32
CA LYS F 74 5.85 17.91 17.71
C LYS F 74 6.19 19.00 16.68
N GLY F 75 5.32 19.99 16.53
CA GLY F 75 5.63 21.14 15.71
C GLY F 75 5.04 21.17 14.31
N ILE F 76 4.19 20.19 14.00
CA ILE F 76 3.53 20.16 12.70
C ILE F 76 2.35 21.14 12.70
N VAL F 77 2.40 22.11 11.78
CA VAL F 77 1.34 23.10 11.65
C VAL F 77 0.17 22.60 10.80
N GLY F 78 0.48 21.84 9.76
CA GLY F 78 -0.54 21.36 8.85
C GLY F 78 -0.16 20.06 8.16
N VAL F 79 -1.14 19.41 7.57
CA VAL F 79 -0.88 18.15 6.89
C VAL F 79 -1.54 18.09 5.51
N HIS F 80 -0.86 17.46 4.55
CA HIS F 80 -1.50 17.08 3.30
C HIS F 80 -2.10 15.70 3.51
N ILE F 81 -3.25 15.43 2.89
CA ILE F 81 -3.92 14.15 3.13
C ILE F 81 -3.76 13.16 1.98
N ARG F 82 -3.43 11.91 2.31
CA ARG F 82 -3.49 10.82 1.33
C ARG F 82 -4.47 9.74 1.79
N VAL F 83 -5.58 9.62 1.06
CA VAL F 83 -6.67 8.77 1.50
C VAL F 83 -6.69 7.44 0.75
N ARG F 84 -6.83 6.37 1.52
CA ARG F 84 -7.13 5.05 1.01
C ARG F 84 -8.55 4.70 1.46
N ALA F 85 -9.50 4.71 0.53
CA ALA F 85 -10.90 4.47 0.87
C ALA F 85 -11.58 3.59 -0.16
N PRO F 86 -11.39 2.26 -0.03
CA PRO F 86 -12.01 1.26 -0.91
C PRO F 86 -13.54 1.22 -0.78
N GLY F 87 -14.20 0.58 -1.72
CA GLY F 87 -15.64 0.47 -1.67
C GLY F 87 -16.24 -0.18 -2.91
N GLY F 88 -17.44 -0.73 -2.77
CA GLY F 88 -18.12 -1.37 -3.87
C GLY F 88 -19.03 -0.42 -4.63
N PRO F 96 -17.22 8.21 4.22
CA PRO F 96 -17.64 8.69 5.53
C PRO F 96 -16.48 8.74 6.52
N GLY F 97 -15.89 7.58 6.82
CA GLY F 97 -14.84 7.49 7.83
C GLY F 97 -13.65 8.41 7.59
N ALA F 98 -13.10 8.37 6.39
CA ALA F 98 -11.91 9.17 6.07
C ALA F 98 -12.23 10.66 6.16
N GLN F 99 -13.40 11.03 5.66
CA GLN F 99 -13.81 12.43 5.66
C GLN F 99 -13.97 12.92 7.10
N ALA F 100 -14.55 12.07 7.93
CA ALA F 100 -14.72 12.38 9.35
C ALA F 100 -13.37 12.56 10.03
N ALA F 101 -12.42 11.69 9.68
CA ALA F 101 -11.07 11.76 10.20
C ALA F 101 -10.40 13.06 9.81
N ILE F 102 -10.61 13.48 8.57
CA ILE F 102 -10.09 14.75 8.08
C ILE F 102 -10.63 15.91 8.92
N ARG F 103 -11.96 15.89 9.15
CA ARG F 103 -12.60 16.91 9.97
C ARG F 103 -12.05 16.91 11.41
N ALA F 104 -11.79 15.73 11.94
CA ALA F 104 -11.24 15.63 13.29
C ALA F 104 -9.83 16.22 13.34
N LEU F 105 -9.05 15.98 12.28
CA LEU F 105 -7.71 16.54 12.17
C LEU F 105 -7.77 18.06 12.17
N ALA F 106 -8.70 18.61 11.38
CA ALA F 106 -8.86 20.06 11.31
C ALA F 106 -9.30 20.65 12.63
N ARG F 107 -10.26 19.98 13.27
CA ARG F 107 -10.83 20.45 14.53
C ARG F 107 -9.80 20.50 15.65
N ALA F 108 -8.80 19.63 15.58
CA ALA F 108 -7.77 19.58 16.62
C ALA F 108 -6.77 20.70 16.46
N GLY F 109 -6.89 21.45 15.37
CA GLY F 109 -6.04 22.59 15.09
C GLY F 109 -5.05 22.46 13.95
N LEU F 110 -5.05 21.32 13.26
CA LEU F 110 -4.18 21.17 12.09
C LEU F 110 -4.75 21.86 10.86
N LYS F 111 -3.89 22.48 10.07
CA LYS F 111 -4.29 23.00 8.76
C LYS F 111 -4.33 21.83 7.77
N ILE F 112 -5.26 21.91 6.81
CA ILE F 112 -5.39 20.85 5.84
C ILE F 112 -4.89 21.34 4.49
N GLY F 113 -3.98 20.57 3.90
CA GLY F 113 -3.41 20.91 2.61
C GLY F 113 -4.12 20.20 1.47
N ARG F 114 -3.36 19.81 0.44
CA ARG F 114 -3.90 19.01 -0.65
C ARG F 114 -4.52 17.74 -0.09
N VAL F 115 -5.65 17.35 -0.65
CA VAL F 115 -6.33 16.11 -0.27
C VAL F 115 -6.36 15.22 -1.51
N GLU F 116 -5.61 14.11 -1.46
CA GLU F 116 -5.43 13.25 -2.62
C GLU F 116 -5.99 11.84 -2.37
N ASP F 117 -6.65 11.27 -3.37
CA ASP F 117 -7.17 9.91 -3.26
C ASP F 117 -6.15 8.93 -3.83
N VAL F 118 -5.51 8.18 -2.93
CA VAL F 118 -4.55 7.14 -3.31
C VAL F 118 -5.12 5.73 -3.15
N THR F 119 -6.44 5.59 -3.07
CA THR F 119 -7.08 4.30 -2.80
C THR F 119 -6.46 3.19 -3.65
N PRO F 120 -5.91 2.16 -2.98
CA PRO F 120 -5.15 1.13 -3.69
C PRO F 120 -6.06 0.23 -4.50
N ILE F 121 -5.70 -0.02 -5.75
CA ILE F 121 -6.46 -0.92 -6.59
C ILE F 121 -5.59 -2.13 -6.89
N PRO F 122 -6.01 -3.31 -6.39
CA PRO F 122 -5.20 -4.50 -6.59
C PRO F 122 -5.02 -4.80 -8.07
N HIS F 123 -3.77 -4.99 -8.50
CA HIS F 123 -3.60 -5.44 -9.86
C HIS F 123 -2.40 -6.36 -10.11
N ASP F 124 -2.75 -7.38 -10.88
CA ASP F 124 -2.01 -8.07 -11.93
C ASP F 124 -2.96 -9.24 -12.10
N GLY F 125 -3.10 -9.79 -13.29
CA GLY F 125 -4.07 -10.85 -13.44
C GLY F 125 -4.76 -10.46 -14.73
N THR F 126 -6.04 -10.78 -14.83
CA THR F 126 -6.87 -10.19 -15.88
C THR F 126 -6.81 -8.65 -15.77
N ARG F 127 -6.78 -7.98 -16.91
CA ARG F 127 -6.71 -6.52 -16.94
C ARG F 127 -8.00 -5.94 -17.49
N PRO F 128 -8.74 -5.22 -16.66
CA PRO F 128 -9.99 -4.60 -17.11
C PRO F 128 -9.71 -3.42 -18.01
N LYS F 129 -10.71 -3.04 -18.79
CA LYS F 129 -10.60 -1.90 -19.69
C LYS F 129 -11.09 -0.61 -19.03
N GLY F 130 -10.33 0.47 -19.14
CA GLY F 130 -8.89 0.38 -19.39
C GLY F 130 -8.20 0.47 -18.04
N GLY F 131 -7.10 -0.25 -17.88
CA GLY F 131 -6.39 -0.24 -16.62
C GLY F 131 -7.26 -0.79 -15.49
N ARG F 132 -6.77 -0.63 -14.27
CA ARG F 132 -7.43 -1.16 -13.09
C ARG F 132 -8.48 -0.20 -12.55
N ARG F 133 -8.66 0.93 -13.24
CA ARG F 133 -9.56 2.03 -12.83
C ARG F 133 -11.03 2.17 -13.35
N GLY F 134 -11.65 1.17 -13.98
CA GLY F 134 -11.28 -0.20 -13.81
C GLY F 134 -12.32 -1.28 -13.92
N ARG F 135 -12.07 -2.29 -13.10
CA ARG F 135 -12.98 -3.38 -12.81
C ARG F 135 -14.40 -2.92 -12.49
N ARG F 136 -14.51 -1.74 -11.88
CA ARG F 136 -15.80 -1.13 -11.54
C ARG F 136 -16.62 -1.99 -10.59
N GLY G 11 4.10 -2.98 59.90
CA GLY G 11 3.40 -2.93 58.63
C GLY G 11 4.05 -3.78 57.56
N MET G 12 3.29 -4.16 56.55
CA MET G 12 3.80 -4.98 55.45
C MET G 12 3.63 -4.26 54.11
N LEU G 13 4.74 -3.88 53.50
CA LEU G 13 4.71 -3.14 52.25
C LEU G 13 5.22 -3.97 51.07
N ILE G 14 4.32 -4.27 50.14
CA ILE G 14 4.65 -5.14 49.00
C ILE G 14 4.64 -4.37 47.69
N ALA G 15 5.76 -4.41 46.97
CA ALA G 15 5.88 -3.73 45.69
C ALA G 15 5.56 -4.66 44.52
N ILE G 16 4.74 -4.18 43.59
CA ILE G 16 4.45 -4.92 42.37
C ILE G 16 5.01 -4.17 41.17
N THR G 17 6.04 -4.73 40.54
CA THR G 17 6.70 -4.06 39.44
C THR G 17 6.85 -4.97 38.23
N GLY G 18 7.35 -4.41 37.14
CA GLY G 18 7.60 -5.15 35.92
C GLY G 18 7.41 -4.24 34.73
N THR G 19 7.72 -4.75 33.53
CA THR G 19 7.59 -3.97 32.31
C THR G 19 6.14 -3.50 32.10
N PRO G 20 5.97 -2.25 31.64
CA PRO G 20 4.63 -1.75 31.29
C PRO G 20 3.88 -2.72 30.39
N GLY G 21 2.63 -3.00 30.75
CA GLY G 21 1.78 -3.93 30.03
C GLY G 21 1.74 -5.33 30.64
N VAL G 22 2.62 -5.60 31.59
CA VAL G 22 2.76 -6.94 32.13
C VAL G 22 1.59 -7.31 33.07
N GLY G 23 0.79 -6.33 33.48
CA GLY G 23 -0.29 -6.59 34.42
C GLY G 23 -0.12 -6.14 35.87
N LYS G 24 0.82 -5.24 36.14
CA LYS G 24 1.04 -4.72 37.50
C LYS G 24 -0.25 -4.24 38.19
N THR G 25 -1.04 -3.42 37.51
CA THR G 25 -2.20 -2.80 38.14
C THR G 25 -3.29 -3.82 38.46
N THR G 26 -3.60 -4.66 37.47
CA THR G 26 -4.58 -5.74 37.64
C THR G 26 -4.23 -6.61 38.86
N ILE G 27 -3.00 -7.11 38.84
CA ILE G 27 -2.51 -8.02 39.89
C ILE G 27 -2.47 -7.33 41.24
N ALA G 28 -2.05 -6.06 41.27
CA ALA G 28 -1.95 -5.33 42.53
C ALA G 28 -3.33 -5.11 43.16
N LYS G 29 -4.31 -4.74 42.34
CA LYS G 29 -5.66 -4.54 42.87
C LYS G 29 -6.23 -5.85 43.39
N LEU G 30 -6.15 -6.91 42.59
CA LEU G 30 -6.69 -8.21 43.03
C LEU G 30 -6.00 -8.69 44.30
N LEU G 31 -4.68 -8.53 44.34
CA LEU G 31 -3.88 -8.98 45.47
C LEU G 31 -4.18 -8.20 46.73
N ALA G 32 -4.30 -6.88 46.61
CA ALA G 32 -4.60 -6.03 47.75
C ALA G 32 -5.96 -6.39 48.32
N GLU G 33 -6.92 -6.64 47.44
CA GLU G 33 -8.25 -7.04 47.91
C GLU G 33 -8.22 -8.40 48.61
N LYS G 34 -7.55 -9.38 48.01
CA LYS G 34 -7.53 -10.73 48.57
C LYS G 34 -6.71 -10.82 49.86
N LEU G 35 -5.71 -9.97 49.97
CA LEU G 35 -4.84 -9.94 51.15
C LEU G 35 -5.48 -9.11 52.25
N GLY G 36 -6.47 -8.30 51.87
CA GLY G 36 -7.08 -7.36 52.79
C GLY G 36 -6.20 -6.15 53.03
N TYR G 37 -5.24 -5.94 52.12
CA TYR G 37 -4.38 -4.77 52.18
C TYR G 37 -5.00 -3.60 51.46
N GLU G 38 -4.33 -2.46 51.49
CA GLU G 38 -4.84 -1.32 50.76
C GLU G 38 -3.95 -1.09 49.54
N TYR G 39 -4.62 -0.81 48.43
CA TYR G 39 -3.97 -0.59 47.16
C TYR G 39 -3.48 0.83 47.07
N VAL G 40 -2.23 1.02 46.63
CA VAL G 40 -1.75 2.37 46.37
C VAL G 40 -1.04 2.40 45.02
N ASN G 41 -1.54 3.25 44.12
CA ASN G 41 -0.88 3.49 42.86
C ASN G 41 0.20 4.54 43.07
N LEU G 42 1.44 4.18 42.74
CA LEU G 42 2.60 5.02 43.06
C LEU G 42 2.57 6.38 42.34
N ARG G 43 2.10 6.42 41.10
CA ARG G 43 2.02 7.65 40.33
C ARG G 43 1.11 8.68 41.02
N ASP G 44 -0.10 8.25 41.36
CA ASP G 44 -1.07 9.11 42.02
C ASP G 44 -0.53 9.57 43.39
N PHE G 45 0.10 8.66 44.11
CA PHE G 45 0.71 8.99 45.39
C PHE G 45 1.78 10.06 45.20
N ALA G 46 2.53 9.95 44.11
CA ALA G 46 3.57 10.93 43.79
C ALA G 46 2.93 12.29 43.56
N LEU G 47 1.76 12.29 42.91
CA LEU G 47 1.05 13.54 42.67
C LEU G 47 0.54 14.17 43.97
N GLU G 48 0.04 13.35 44.90
CA GLU G 48 -0.52 13.86 46.16
C GLU G 48 0.51 14.54 47.06
N LYS G 49 1.73 14.00 47.10
CA LYS G 49 2.75 14.51 48.00
C LYS G 49 3.51 15.68 47.40
N GLY G 50 3.19 15.99 46.15
CA GLY G 50 3.73 17.16 45.49
C GLY G 50 5.09 16.90 44.88
N CYS G 51 5.49 15.63 44.84
CA CYS G 51 6.76 15.27 44.19
C CYS G 51 6.58 15.34 42.69
N GLY G 52 5.47 14.77 42.25
CA GLY G 52 5.13 14.70 40.84
C GLY G 52 4.62 15.96 40.23
N ARG G 53 5.14 16.30 39.05
CA ARG G 53 4.57 17.41 38.30
C ARG G 53 4.13 16.86 36.96
N GLU G 54 2.88 17.12 36.60
CA GLU G 54 2.30 16.53 35.39
C GLU G 54 2.36 17.48 34.20
N VAL G 55 3.20 17.16 33.22
CA VAL G 55 3.27 17.97 32.03
C VAL G 55 2.95 17.13 30.78
N ASP G 56 1.75 17.34 30.25
CA ASP G 56 1.28 16.93 28.90
C ASP G 56 1.78 15.59 28.30
N GLY G 57 1.34 14.46 28.83
CA GLY G 57 0.64 14.34 30.10
C GLY G 57 1.49 13.61 31.12
N GLU G 58 2.79 13.48 30.85
CA GLU G 58 3.66 12.69 31.73
C GLU G 58 3.99 13.40 33.04
N VAL G 59 4.29 12.60 34.06
CA VAL G 59 4.57 13.11 35.40
C VAL G 59 6.04 12.93 35.79
N GLU G 60 6.75 14.03 36.00
CA GLU G 60 8.14 13.92 36.36
C GLU G 60 8.29 14.06 37.88
N VAL G 61 9.06 13.14 38.46
CA VAL G 61 9.34 13.15 39.89
C VAL G 61 10.82 12.93 40.15
N GLU G 62 11.25 13.22 41.37
CA GLU G 62 12.62 12.94 41.79
C GLU G 62 12.54 11.76 42.75
N ILE G 63 13.22 10.67 42.38
CA ILE G 63 13.07 9.38 43.05
C ILE G 63 13.37 9.41 44.55
N ASP G 64 14.46 10.06 44.96
CA ASP G 64 14.82 10.11 46.38
C ASP G 64 13.71 10.74 47.24
N GLU G 65 13.05 11.76 46.68
CA GLU G 65 11.92 12.39 47.36
C GLU G 65 10.77 11.40 47.53
N LEU G 66 10.46 10.68 46.46
CA LEU G 66 9.37 9.72 46.49
C LEU G 66 9.66 8.60 47.51
N ALA G 67 10.91 8.16 47.56
CA ALA G 67 11.32 7.13 48.51
C ALA G 67 11.15 7.66 49.94
N TYR G 68 11.54 8.93 50.12
CA TYR G 68 11.38 9.62 51.39
C TYR G 68 9.92 9.64 51.87
N PHE G 69 9.02 10.04 50.99
CA PHE G 69 7.61 10.10 51.33
C PHE G 69 6.98 8.72 51.56
N VAL G 70 7.33 7.75 50.72
CA VAL G 70 6.84 6.38 50.87
C VAL G 70 7.26 5.84 52.22
N GLU G 71 8.53 6.07 52.57
CA GLU G 71 9.06 5.66 53.87
C GLU G 71 8.27 6.34 55.00
N LYS G 72 8.00 7.63 54.83
CA LYS G 72 7.31 8.43 55.85
C LYS G 72 5.84 8.06 56.14
N GLU G 73 5.04 8.04 55.07
CA GLU G 73 3.58 7.98 55.18
C GLU G 73 2.99 6.57 55.36
N LEU G 74 3.56 5.60 54.66
CA LEU G 74 3.06 4.23 54.51
C LEU G 74 3.69 3.25 55.50
N LYS G 75 4.40 3.78 56.50
CA LYS G 75 5.47 3.04 57.19
C LYS G 75 5.35 1.64 57.83
N ASP G 76 4.48 1.20 58.77
CA ASP G 76 3.21 1.68 59.40
C ASP G 76 1.90 1.23 58.76
N ARG G 77 1.94 0.60 57.60
CA ARG G 77 0.68 0.19 56.97
C ARG G 77 0.79 -1.16 56.25
N ASN G 78 -0.33 -1.67 55.77
CA ASN G 78 -0.34 -2.87 54.95
C ASN G 78 -0.73 -2.46 53.55
N VAL G 79 0.23 -2.44 52.64
CA VAL G 79 0.04 -1.77 51.36
C VAL G 79 0.55 -2.59 50.19
N VAL G 80 -0.24 -2.68 49.13
CA VAL G 80 0.24 -3.20 47.86
C VAL G 80 0.55 -2.01 46.95
N LEU G 81 1.82 -1.84 46.63
CA LEU G 81 2.27 -0.66 45.89
C LEU G 81 2.46 -0.98 44.42
N ASP G 82 1.74 -0.25 43.57
CA ASP G 82 1.69 -0.53 42.14
C ASP G 82 2.42 0.53 41.34
N GLY G 83 3.49 0.12 40.67
CA GLY G 83 4.18 0.98 39.72
C GLY G 83 5.46 0.34 39.23
N HIS G 84 5.96 0.81 38.10
CA HIS G 84 7.20 0.29 37.54
C HIS G 84 8.42 0.92 38.21
N LEU G 85 8.18 1.92 39.05
CA LEU G 85 9.23 2.47 39.92
C LEU G 85 9.15 1.92 41.34
N SER G 86 8.17 1.08 41.63
CA SER G 86 7.89 0.68 43.01
C SER G 86 9.05 -0.08 43.66
N HIS G 87 9.86 -0.77 42.85
CA HIS G 87 10.98 -1.54 43.40
C HIS G 87 12.14 -0.63 43.82
N LEU G 88 12.08 0.63 43.43
CA LEU G 88 13.08 1.61 43.83
C LEU G 88 12.69 2.23 45.17
N MET G 89 11.51 1.87 45.67
CA MET G 89 11.04 2.38 46.95
C MET G 89 11.51 1.47 48.07
N PRO G 90 11.59 2.01 49.31
CA PRO G 90 12.03 1.17 50.43
C PRO G 90 10.96 0.19 50.90
N VAL G 91 10.69 -0.87 50.14
CA VAL G 91 9.65 -1.81 50.53
C VAL G 91 10.22 -3.04 51.25
N ASP G 92 9.31 -3.87 51.78
CA ASP G 92 9.69 -5.11 52.45
C ASP G 92 9.86 -6.26 51.47
N LEU G 93 9.05 -6.26 50.43
CA LEU G 93 9.05 -7.33 49.43
C LEU G 93 8.76 -6.79 48.04
N VAL G 94 9.50 -7.30 47.06
CA VAL G 94 9.31 -6.89 45.67
C VAL G 94 8.81 -8.07 44.85
N VAL G 95 7.71 -7.88 44.13
CA VAL G 95 7.24 -8.91 43.19
C VAL G 95 7.44 -8.42 41.76
N VAL G 96 8.24 -9.16 41.00
CA VAL G 96 8.49 -8.80 39.61
C VAL G 96 7.67 -9.71 38.70
N LEU G 97 6.76 -9.10 37.95
CA LEU G 97 5.94 -9.84 37.00
C LEU G 97 6.66 -9.94 35.67
N ARG G 98 6.62 -11.13 35.07
CA ARG G 98 7.21 -11.34 33.76
C ARG G 98 6.13 -11.82 32.79
N ALA G 99 6.34 -11.53 31.51
CA ALA G 99 5.47 -12.05 30.46
C ALA G 99 6.26 -12.20 29.19
N HIS G 100 5.84 -13.12 28.34
CA HIS G 100 6.39 -13.27 27.00
C HIS G 100 6.35 -11.90 26.31
N PRO G 101 7.51 -11.43 25.83
CA PRO G 101 7.61 -10.07 25.27
C PRO G 101 6.63 -9.79 24.13
N ARG G 102 6.19 -10.84 23.44
CA ARG G 102 5.17 -10.67 22.39
C ARG G 102 3.88 -10.19 23.03
N ILE G 103 3.57 -10.69 24.23
CA ILE G 103 2.37 -10.28 24.94
C ILE G 103 2.48 -8.80 25.29
N ILE G 104 3.65 -8.40 25.78
CA ILE G 104 3.93 -6.99 26.05
C ILE G 104 3.70 -6.14 24.81
N GLY G 105 4.24 -6.60 23.68
CA GLY G 105 4.12 -5.90 22.42
C GLY G 105 2.68 -5.71 21.97
N GLU G 106 1.91 -6.79 22.02
CA GLU G 106 0.50 -6.73 21.64
C GLU G 106 -0.28 -5.78 22.53
N ARG G 107 -0.06 -5.88 23.85
CA ARG G 107 -0.80 -5.04 24.79
C ARG G 107 -0.48 -3.56 24.64
N LEU G 108 0.79 -3.26 24.45
CA LEU G 108 1.21 -1.88 24.31
C LEU G 108 0.77 -1.38 22.94
N ARG G 109 0.60 -2.33 22.03
CA ARG G 109 0.14 -2.01 20.69
C ARG G 109 -1.32 -1.58 20.81
N GLU G 110 -2.10 -2.29 21.63
CA GLU G 110 -3.49 -1.94 21.89
C GLU G 110 -3.65 -0.63 22.66
N ARG G 111 -2.63 -0.28 23.45
CA ARG G 111 -2.63 1.01 24.17
C ARG G 111 -2.40 2.22 23.30
N GLY G 112 -1.83 2.01 22.11
CA GLY G 112 -1.56 3.12 21.22
C GLY G 112 -0.18 3.74 21.38
N TYR G 113 0.76 2.99 21.96
CA TYR G 113 2.14 3.45 22.06
C TYR G 113 2.78 3.55 20.68
N SER G 114 3.81 4.37 20.56
CA SER G 114 4.54 4.44 19.30
C SER G 114 5.31 3.14 19.08
N LYS G 115 5.67 2.89 17.81
CA LYS G 115 6.43 1.70 17.42
C LYS G 115 7.76 1.63 18.19
N GLU G 116 8.42 2.78 18.34
CA GLU G 116 9.70 2.85 19.02
C GLU G 116 9.55 2.54 20.51
N LYS G 117 8.47 3.04 21.10
CA LYS G 117 8.21 2.88 22.53
C LYS G 117 7.83 1.44 22.89
N ILE G 118 6.97 0.87 22.05
CA ILE G 118 6.63 -0.54 22.13
C ILE G 118 7.92 -1.35 22.06
N GLY G 119 8.75 -1.03 21.07
CA GLY G 119 9.99 -1.76 20.86
C GLY G 119 10.90 -1.71 22.07
N GLU G 120 11.04 -0.52 22.65
CA GLU G 120 11.91 -0.35 23.80
C GLU G 120 11.38 -1.14 25.01
N ASN G 121 10.07 -1.12 25.23
CA ASN G 121 9.54 -1.85 26.39
C ASN G 121 9.59 -3.37 26.20
N VAL G 122 9.37 -3.82 24.96
CA VAL G 122 9.48 -5.23 24.65
C VAL G 122 10.91 -5.70 24.86
N GLU G 123 11.88 -4.91 24.41
CA GLU G 123 13.29 -5.22 24.62
C GLU G 123 13.58 -5.21 26.11
N ALA G 124 12.94 -4.29 26.83
CA ALA G 124 13.14 -4.14 28.27
C ALA G 124 12.73 -5.41 28.98
N GLU G 125 11.64 -6.04 28.51
CA GLU G 125 11.23 -7.31 29.05
C GLU G 125 12.18 -8.43 28.62
N LEU G 126 12.66 -8.35 27.39
CA LEU G 126 13.60 -9.33 26.86
C LEU G 126 14.89 -9.43 27.68
N VAL G 127 15.43 -8.29 28.11
CA VAL G 127 16.71 -8.27 28.81
C VAL G 127 16.59 -8.27 30.34
N ASP G 128 15.37 -8.45 30.86
CA ASP G 128 15.13 -8.53 32.31
C ASP G 128 15.53 -7.25 33.06
N ALA G 129 15.27 -6.09 32.45
CA ALA G 129 15.75 -4.82 33.02
C ALA G 129 15.23 -4.57 34.46
N ILE G 130 13.91 -4.63 34.62
CA ILE G 130 13.30 -4.41 35.93
C ILE G 130 13.83 -5.40 36.96
N LEU G 131 13.90 -6.68 36.58
CA LEU G 131 14.37 -7.72 37.48
C LEU G 131 15.78 -7.42 38.00
N ILE G 132 16.67 -7.02 37.10
CA ILE G 132 18.05 -6.68 37.45
C ILE G 132 18.08 -5.49 38.42
N GLU G 133 17.26 -4.48 38.13
CA GLU G 133 17.15 -3.34 39.06
C GLU G 133 16.71 -3.79 40.46
N ALA G 134 15.67 -4.61 40.49
CA ALA G 134 15.09 -5.08 41.74
C ALA G 134 16.10 -5.87 42.56
N ILE G 135 16.80 -6.80 41.91
CA ILE G 135 17.82 -7.59 42.59
C ILE G 135 18.92 -6.69 43.13
N ASP G 136 19.25 -5.63 42.38
CA ASP G 136 20.26 -4.68 42.86
C ASP G 136 19.77 -3.93 44.11
N GLU G 137 18.47 -3.62 44.14
CA GLU G 137 17.89 -2.86 45.27
C GLU G 137 17.54 -3.68 46.51
N HIS G 138 17.07 -4.90 46.31
CA HIS G 138 16.54 -5.66 47.45
C HIS G 138 16.95 -7.12 47.48
N GLU G 139 17.00 -7.66 48.69
CA GLU G 139 17.27 -9.09 48.87
C GLU G 139 15.99 -9.89 48.64
N ASN G 140 14.85 -9.31 49.01
CA ASN G 140 13.63 -10.07 48.90
C ASN G 140 12.91 -9.73 47.60
N VAL G 141 13.03 -10.63 46.63
CA VAL G 141 12.47 -10.44 45.30
C VAL G 141 11.88 -11.75 44.82
N ILE G 142 10.60 -11.72 44.47
CA ILE G 142 9.90 -12.90 43.99
C ILE G 142 9.46 -12.66 42.54
N GLU G 143 9.99 -13.47 41.64
CA GLU G 143 9.69 -13.34 40.23
C GLU G 143 8.54 -14.28 39.90
N VAL G 144 7.58 -13.81 39.12
CA VAL G 144 6.43 -14.62 38.74
C VAL G 144 6.13 -14.50 37.24
N ASP G 145 6.04 -15.65 36.58
CA ASP G 145 5.74 -15.68 35.15
C ASP G 145 4.22 -15.64 34.95
N THR G 146 3.72 -14.63 34.25
CA THR G 146 2.29 -14.45 34.08
C THR G 146 1.74 -15.16 32.84
N THR G 147 2.65 -15.69 32.02
CA THR G 147 2.27 -16.28 30.74
C THR G 147 1.28 -17.43 30.88
N ASN G 148 0.18 -17.34 30.13
CA ASN G 148 -0.90 -18.34 30.15
C ASN G 148 -1.55 -18.52 31.52
N LYS G 149 -1.54 -17.46 32.33
CA LYS G 149 -2.20 -17.52 33.62
C LYS G 149 -3.26 -16.43 33.76
N THR G 150 -4.28 -16.73 34.55
CA THR G 150 -5.29 -15.75 34.91
C THR G 150 -4.77 -14.97 36.09
N PRO G 151 -5.27 -13.73 36.28
CA PRO G 151 -4.89 -12.93 37.45
C PRO G 151 -5.14 -13.66 38.76
N GLU G 152 -6.16 -14.50 38.75
CA GLU G 152 -6.55 -15.28 39.91
C GLU G 152 -5.43 -16.27 40.28
N GLU G 153 -4.96 -17.00 39.27
CA GLU G 153 -3.90 -17.98 39.44
C GLU G 153 -2.60 -17.33 39.88
N ILE G 154 -2.32 -16.16 39.31
CA ILE G 154 -1.12 -15.41 39.63
C ILE G 154 -1.14 -14.96 41.08
N VAL G 155 -2.27 -14.39 41.51
CA VAL G 155 -2.41 -13.90 42.88
C VAL G 155 -2.31 -15.05 43.89
N GLU G 156 -2.96 -16.18 43.60
CA GLU G 156 -2.89 -17.32 44.52
C GLU G 156 -1.46 -17.87 44.57
N GLU G 157 -0.76 -17.83 43.44
CA GLU G 157 0.64 -18.23 43.39
C GLU G 157 1.50 -17.35 44.29
N ILE G 158 1.31 -16.03 44.17
CA ILE G 158 2.05 -15.07 45.00
C ILE G 158 1.78 -15.27 46.49
N ILE G 159 0.51 -15.29 46.88
CA ILE G 159 0.14 -15.46 48.28
C ILE G 159 0.67 -16.79 48.80
N GLY G 160 0.60 -17.82 47.96
CA GLY G 160 1.15 -19.13 48.31
C GLY G 160 2.63 -19.06 48.63
N LEU G 161 3.39 -18.35 47.78
CA LEU G 161 4.83 -18.22 48.01
C LEU G 161 5.15 -17.39 49.27
N ILE G 162 4.35 -16.36 49.52
CA ILE G 162 4.56 -15.50 50.69
C ILE G 162 4.28 -16.31 51.96
N LYS G 163 3.25 -17.15 51.90
CA LYS G 163 2.82 -17.98 53.03
C LYS G 163 3.76 -19.15 53.29
N SER G 164 4.65 -19.43 52.35
CA SER G 164 5.53 -20.60 52.45
C SER G 164 6.56 -20.59 53.60
N GLY G 165 7.10 -19.44 53.98
CA GLY G 165 7.23 -18.26 53.15
C GLY G 165 8.55 -18.27 52.40
N VAL G 166 8.52 -17.74 51.17
CA VAL G 166 9.73 -17.62 50.38
C VAL G 166 10.02 -16.15 50.15
N LYS G 167 11.16 -15.66 50.63
CA LYS G 167 11.47 -14.25 50.39
C LYS G 167 12.19 -13.96 49.08
N ARG G 168 12.85 -14.95 48.49
CA ARG G 168 13.56 -14.71 47.22
C ARG G 168 13.46 -15.86 46.21
N ARG G 169 12.91 -15.57 45.04
CA ARG G 169 12.98 -16.48 43.90
C ARG G 169 13.21 -15.70 42.59
N VAL G 170 14.35 -15.95 41.94
CA VAL G 170 14.70 -15.24 40.71
C VAL G 170 15.33 -16.19 39.68
N GLY G 171 15.29 -15.79 38.41
CA GLY G 171 15.91 -16.56 37.34
C GLY G 171 14.99 -17.58 36.68
N ILE G 172 13.67 -17.37 36.79
CA ILE G 172 12.71 -18.36 36.32
C ILE G 172 12.26 -18.19 34.86
N VAL G 173 12.63 -17.08 34.22
CA VAL G 173 12.35 -16.94 32.79
C VAL G 173 13.62 -16.57 32.01
N ASP G 174 13.76 -17.16 30.83
CA ASP G 174 14.79 -16.75 29.89
C ASP G 174 14.12 -16.52 28.55
N TRP G 175 14.00 -15.26 28.13
CA TRP G 175 13.20 -14.96 26.95
C TRP G 175 14.04 -15.03 25.69
N SER G 176 15.35 -15.25 25.85
CA SER G 176 16.22 -15.42 24.70
C SER G 176 15.72 -16.60 23.86
N GLU G 177 15.18 -17.61 24.55
CA GLU G 177 14.63 -18.78 23.89
C GLU G 177 13.48 -18.45 22.93
N VAL G 178 12.73 -17.39 23.22
CA VAL G 178 11.63 -17.00 22.35
C VAL G 178 12.00 -15.85 21.39
N TYR G 179 13.30 -15.50 21.34
CA TYR G 179 13.72 -14.29 20.61
C TYR G 179 13.11 -14.10 19.21
N ASP G 180 13.12 -15.14 18.38
CA ASP G 180 12.60 -15.00 17.03
C ASP G 180 11.15 -14.51 17.01
N GLU G 181 10.35 -15.04 17.92
CA GLU G 181 8.93 -14.70 17.98
C GLU G 181 8.71 -13.22 18.21
N ILE G 182 9.66 -12.55 18.85
CA ILE G 182 9.45 -11.15 19.17
C ILE G 182 10.12 -10.21 18.19
N ILE G 183 10.78 -10.76 17.17
CA ILE G 183 11.51 -9.92 16.20
C ILE G 183 10.66 -8.79 15.56
N PRO G 184 9.38 -9.05 15.20
CA PRO G 184 8.57 -7.95 14.64
C PRO G 184 8.38 -6.73 15.55
N TYR G 185 8.52 -6.87 16.86
CA TYR G 185 8.36 -5.73 17.77
C TYR G 185 9.67 -4.96 18.04
N LEU G 186 10.81 -5.57 17.73
CA LEU G 186 12.12 -5.02 18.13
C LEU G 186 12.61 -3.84 17.30
N ARG G 187 13.58 -3.09 17.82
CA ARG G 187 14.08 -1.98 17.03
C ARG G 187 15.36 -2.44 16.35
N LEU G 188 15.20 -2.94 15.12
CA LEU G 188 16.32 -3.47 14.37
C LEU G 188 16.72 -2.58 13.20
N GLY G 189 15.94 -1.53 12.97
CA GLY G 189 16.05 -0.77 11.74
C GLY G 189 17.30 0.08 11.68
N GLY G 190 17.94 0.10 10.52
CA GLY G 190 19.12 0.91 10.30
C GLY G 190 18.77 2.38 10.19
N ILE H 8 38.23 4.60 -8.88
CA ILE H 8 37.33 4.50 -7.73
C ILE H 8 37.63 3.24 -6.92
N LYS H 9 38.07 3.44 -5.68
CA LYS H 9 38.31 2.32 -4.78
C LYS H 9 37.31 2.34 -3.63
N LYS H 10 36.37 1.40 -3.68
CA LYS H 10 35.32 1.25 -2.66
C LYS H 10 34.90 -0.20 -2.62
N LYS H 11 34.44 -0.69 -1.48
CA LYS H 11 34.06 -2.10 -1.42
C LYS H 11 32.75 -2.47 -0.72
N GLU H 12 32.73 -2.28 0.59
CA GLU H 12 32.31 -3.34 1.51
C GLU H 12 30.90 -3.36 2.12
N LYS H 13 30.44 -4.59 2.36
CA LYS H 13 29.11 -4.88 2.86
C LYS H 13 29.13 -4.92 4.40
N TRP H 14 28.28 -4.09 5.00
CA TRP H 14 28.26 -3.96 6.44
C TRP H 14 26.95 -4.41 7.06
N GLY H 15 27.03 -5.05 8.21
CA GLY H 15 25.86 -5.39 8.98
C GLY H 15 25.71 -4.64 10.30
N ILE H 16 24.76 -5.12 11.09
CA ILE H 16 24.51 -4.60 12.42
C ILE H 16 24.49 -5.76 13.38
N ALA H 17 25.29 -5.68 14.43
CA ALA H 17 25.30 -6.70 15.46
C ALA H 17 24.53 -6.20 16.67
N HIS H 18 23.35 -6.77 16.88
CA HIS H 18 22.53 -6.46 18.03
C HIS H 18 22.94 -7.37 19.15
N ILE H 19 23.41 -6.80 20.24
CA ILE H 19 23.93 -7.60 21.33
C ILE H 19 23.09 -7.40 22.59
N TYR H 20 22.56 -8.50 23.11
CA TYR H 20 21.68 -8.42 24.28
C TYR H 20 22.33 -9.15 25.44
N SER H 21 22.54 -8.41 26.53
CA SER H 21 23.03 -9.03 27.75
C SER H 21 21.92 -9.02 28.78
N SER H 22 21.43 -10.20 29.14
CA SER H 22 20.35 -10.28 30.12
C SER H 22 20.83 -10.96 31.39
N TYR H 23 19.92 -11.20 32.31
CA TYR H 23 20.24 -11.91 33.53
C TYR H 23 20.61 -13.37 33.28
N ASN H 24 19.85 -14.02 32.41
CA ASN H 24 20.04 -15.45 32.17
C ASN H 24 20.84 -15.83 30.94
N ASN H 25 21.20 -14.86 30.11
CA ASN H 25 21.74 -15.20 28.79
C ASN H 25 22.39 -14.04 28.03
N THR H 26 22.90 -14.35 26.84
CA THR H 26 23.42 -13.34 25.92
C THR H 26 22.95 -13.70 24.51
N ILE H 27 22.56 -12.70 23.73
CA ILE H 27 22.13 -12.90 22.35
C ILE H 27 22.96 -12.06 21.39
N ILE H 28 23.44 -12.66 20.30
CA ILE H 28 24.06 -11.90 19.24
C ILE H 28 23.26 -12.14 17.98
N HIS H 29 22.61 -11.08 17.50
CA HIS H 29 21.77 -11.15 16.33
C HIS H 29 22.33 -10.22 15.27
N ILE H 30 22.86 -10.78 14.20
CA ILE H 30 23.45 -9.96 13.14
C ILE H 30 22.47 -9.79 11.99
N THR H 31 22.18 -8.55 11.61
CA THR H 31 21.33 -8.26 10.47
C THR H 31 22.11 -7.48 9.42
N ASP H 32 21.48 -7.19 8.29
CA ASP H 32 22.09 -6.29 7.31
C ASP H 32 21.82 -4.85 7.77
N ILE H 33 22.34 -3.87 7.03
CA ILE H 33 22.19 -2.48 7.43
C ILE H 33 20.73 -2.04 7.52
N THR H 34 19.86 -2.61 6.68
CA THR H 34 18.44 -2.25 6.73
C THR H 34 17.75 -2.85 7.95
N GLY H 35 18.26 -3.98 8.42
CA GLY H 35 17.70 -4.64 9.59
C GLY H 35 16.57 -5.62 9.28
N ALA H 36 16.23 -5.73 8.00
CA ALA H 36 15.14 -6.60 7.56
C ALA H 36 15.55 -8.06 7.43
N GLU H 37 16.82 -8.29 7.11
CA GLU H 37 17.32 -9.65 6.88
C GLU H 37 18.18 -10.12 8.05
N THR H 38 17.94 -11.35 8.50
CA THR H 38 18.75 -11.94 9.55
C THR H 38 19.91 -12.71 8.93
N ILE H 39 21.13 -12.24 9.18
CA ILE H 39 22.37 -12.89 8.75
C ILE H 39 22.77 -14.07 9.64
N SER H 40 22.78 -13.83 10.95
CA SER H 40 23.14 -14.84 11.93
C SER H 40 22.44 -14.57 13.26
N ARG H 41 22.06 -15.64 13.97
CA ARG H 41 21.44 -15.47 15.28
C ARG H 41 21.97 -16.52 16.28
N TRP H 42 22.64 -16.07 17.34
CA TRP H 42 23.23 -16.98 18.31
C TRP H 42 23.04 -16.50 19.74
N SER H 43 22.85 -17.44 20.66
CA SER H 43 22.74 -17.13 22.07
C SER H 43 23.64 -18.04 22.90
N GLY H 44 23.86 -17.69 24.15
CA GLY H 44 24.66 -18.51 25.05
C GLY H 44 24.08 -19.91 25.20
N GLY H 45 22.75 -20.00 25.18
CA GLY H 45 22.07 -21.27 25.33
C GLY H 45 22.31 -22.24 24.19
N MET H 46 22.68 -21.71 23.03
CA MET H 46 22.96 -22.55 21.88
C MET H 46 24.38 -23.16 21.92
N VAL H 47 25.33 -22.48 22.54
CA VAL H 47 26.71 -22.99 22.57
C VAL H 47 27.18 -23.75 23.83
N VAL H 48 26.43 -23.68 24.93
CA VAL H 48 26.88 -24.34 26.16
C VAL H 48 25.86 -25.35 26.69
N LYS H 49 26.36 -26.34 27.43
CA LYS H 49 25.53 -27.45 27.91
C LYS H 49 24.69 -27.10 29.13
N ALA H 50 25.29 -26.39 30.09
CA ALA H 50 24.65 -26.17 31.38
C ALA H 50 23.97 -24.82 31.45
N ASP H 51 22.80 -24.80 32.07
CA ASP H 51 22.04 -23.57 32.28
C ASP H 51 22.87 -22.52 33.01
N ARG H 52 23.65 -22.96 34.00
CA ARG H 52 24.35 -22.03 34.85
C ARG H 52 25.47 -21.32 34.08
N ASP H 53 25.88 -21.87 32.94
CA ASP H 53 26.94 -21.26 32.15
C ASP H 53 26.41 -20.37 31.05
N GLU H 54 25.09 -20.32 30.89
CA GLU H 54 24.50 -19.51 29.83
C GLU H 54 24.75 -17.99 29.98
N PRO H 55 24.64 -17.43 31.21
CA PRO H 55 24.98 -16.01 31.39
C PRO H 55 26.48 -15.70 31.30
N SER H 56 27.32 -16.73 31.33
CA SER H 56 28.78 -16.52 31.34
C SER H 56 29.31 -15.73 30.14
N PRO H 57 30.26 -14.82 30.41
CA PRO H 57 30.93 -14.06 29.34
C PRO H 57 31.70 -14.96 28.38
N TYR H 58 32.13 -16.14 28.84
CA TYR H 58 32.79 -17.10 27.97
C TYR H 58 31.77 -17.61 26.93
N ALA H 59 30.55 -17.85 27.38
CA ALA H 59 29.46 -18.27 26.50
C ALA H 59 29.13 -17.16 25.51
N ALA H 60 29.16 -15.92 26.00
CA ALA H 60 28.93 -14.76 25.15
C ALA H 60 29.97 -14.69 24.05
N MET H 61 31.23 -14.92 24.42
CA MET H 61 32.33 -14.90 23.45
C MET H 61 32.16 -16.01 22.42
N LEU H 62 31.81 -17.21 22.88
CA LEU H 62 31.65 -18.34 21.95
C LEU H 62 30.49 -18.10 20.98
N ALA H 63 29.37 -17.62 21.52
CA ALA H 63 28.20 -17.30 20.68
C ALA H 63 28.53 -16.22 19.65
N ALA H 64 29.26 -15.20 20.10
CA ALA H 64 29.70 -14.14 19.20
C ALA H 64 30.61 -14.69 18.12
N ARG H 65 31.49 -15.63 18.50
CA ARG H 65 32.37 -16.30 17.56
C ARG H 65 31.62 -17.03 16.45
N ARG H 66 30.60 -17.80 16.85
CA ARG H 66 29.76 -18.51 15.88
C ARG H 66 29.02 -17.53 14.97
N ALA H 67 28.45 -16.49 15.57
CA ALA H 67 27.68 -15.49 14.83
C ALA H 67 28.56 -14.80 13.80
N ALA H 68 29.76 -14.43 14.22
CA ALA H 68 30.71 -13.72 13.36
C ALA H 68 31.15 -14.60 12.22
N GLU H 69 31.44 -15.87 12.52
CA GLU H 69 31.83 -16.80 11.46
C GLU H 69 30.73 -16.92 10.42
N GLU H 70 29.51 -17.14 10.89
CA GLU H 70 28.36 -17.27 9.99
C GLU H 70 28.19 -16.03 9.12
N ALA H 71 28.37 -14.86 9.73
CA ALA H 71 28.19 -13.60 9.02
C ALA H 71 29.25 -13.41 7.94
N LEU H 72 30.51 -13.71 8.30
CA LEU H 72 31.61 -13.62 7.34
C LEU H 72 31.41 -14.53 6.16
N GLU H 73 30.93 -15.76 6.42
CA GLU H 73 30.77 -16.70 5.31
C GLU H 73 29.68 -16.22 4.36
N LYS H 74 28.77 -15.39 4.88
CA LYS H 74 27.69 -14.84 4.09
C LYS H 74 28.06 -13.49 3.48
N GLY H 75 29.30 -13.06 3.69
CA GLY H 75 29.79 -11.87 3.01
C GLY H 75 29.83 -10.58 3.80
N ILE H 76 29.54 -10.64 5.09
CA ILE H 76 29.63 -9.44 5.92
C ILE H 76 31.08 -9.16 6.27
N VAL H 77 31.56 -7.98 5.88
CA VAL H 77 32.94 -7.55 6.18
C VAL H 77 33.07 -6.89 7.56
N GLY H 78 32.05 -6.15 7.97
CA GLY H 78 32.11 -5.45 9.24
C GLY H 78 30.73 -5.23 9.83
N VAL H 79 30.65 -4.88 11.11
CA VAL H 79 29.38 -4.64 11.78
C VAL H 79 29.40 -3.40 12.67
N HIS H 80 28.28 -2.68 12.70
CA HIS H 80 28.09 -1.65 13.72
C HIS H 80 27.45 -2.32 14.92
N ILE H 81 27.78 -1.92 16.13
CA ILE H 81 27.25 -2.62 17.29
C ILE H 81 26.11 -1.84 17.95
N ARG H 82 25.01 -2.52 18.25
CA ARG H 82 23.97 -1.94 19.10
C ARG H 82 23.78 -2.78 20.34
N VAL H 83 24.21 -2.24 21.47
CA VAL H 83 24.30 -2.97 22.73
C VAL H 83 23.15 -2.67 23.68
N ARG H 84 22.55 -3.73 24.20
CA ARG H 84 21.61 -3.65 25.30
C ARG H 84 22.26 -4.31 26.51
N ALA H 85 22.62 -3.51 27.50
CA ALA H 85 23.32 -4.01 28.66
C ALA H 85 22.77 -3.36 29.92
N PRO H 86 21.66 -3.90 30.42
CA PRO H 86 21.03 -3.42 31.66
C PRO H 86 21.91 -3.67 32.88
N GLY H 87 21.83 -2.75 33.84
CA GLY H 87 22.59 -2.86 35.07
C GLY H 87 21.69 -2.28 36.15
N GLY H 88 22.07 -2.46 37.40
CA GLY H 88 21.23 -2.01 38.49
C GLY H 88 21.06 -0.50 38.55
N SER H 89 20.05 -0.06 39.28
CA SER H 89 19.81 1.36 39.51
C SER H 89 20.75 1.93 40.57
N LYS H 90 21.11 1.09 41.53
CA LYS H 90 22.04 1.46 42.60
C LYS H 90 23.47 1.55 42.06
N SER H 91 24.05 0.38 41.80
CA SER H 91 25.31 0.29 41.07
C SER H 91 24.99 -0.01 39.60
N LYS H 92 25.49 0.79 38.66
CA LYS H 92 25.17 0.48 37.28
C LYS H 92 26.29 -0.43 36.77
N THR H 93 26.01 -1.74 36.73
CA THR H 93 27.00 -2.70 36.30
C THR H 93 26.50 -3.58 35.16
N PRO H 94 26.80 -3.17 33.92
CA PRO H 94 26.31 -3.90 32.74
C PRO H 94 26.96 -5.28 32.65
N GLY H 95 28.13 -5.46 33.24
CA GLY H 95 28.84 -6.71 33.11
C GLY H 95 29.84 -6.68 31.97
N PRO H 96 30.85 -7.57 32.03
CA PRO H 96 31.85 -7.70 30.97
C PRO H 96 31.33 -8.36 29.68
N GLY H 97 30.16 -9.00 29.75
CA GLY H 97 29.62 -9.78 28.65
C GLY H 97 29.52 -9.12 27.28
N ALA H 98 28.93 -7.93 27.20
CA ALA H 98 28.73 -7.30 25.89
C ALA H 98 30.08 -6.98 25.24
N GLN H 99 30.99 -6.43 26.03
CA GLN H 99 32.32 -6.07 25.54
C GLN H 99 33.09 -7.31 25.10
N ALA H 100 32.95 -8.38 25.87
CA ALA H 100 33.59 -9.65 25.54
C ALA H 100 33.05 -10.15 24.20
N ALA H 101 31.74 -10.01 24.00
CA ALA H 101 31.13 -10.40 22.73
C ALA H 101 31.67 -9.59 21.57
N ILE H 102 31.80 -8.27 21.76
CA ILE H 102 32.35 -7.39 20.73
C ILE H 102 33.79 -7.78 20.36
N ARG H 103 34.62 -8.00 21.38
CA ARG H 103 35.98 -8.46 21.15
C ARG H 103 36.03 -9.77 20.39
N ALA H 104 35.12 -10.68 20.72
CA ALA H 104 35.08 -11.96 20.04
C ALA H 104 34.70 -11.75 18.58
N LEU H 105 33.81 -10.79 18.32
CA LEU H 105 33.43 -10.47 16.94
C LEU H 105 34.66 -9.98 16.18
N ALA H 106 35.45 -9.12 16.80
CA ALA H 106 36.65 -8.60 16.14
C ALA H 106 37.68 -9.71 15.87
N ARG H 107 37.93 -10.55 16.88
CA ARG H 107 38.93 -11.61 16.77
C ARG H 107 38.58 -12.61 15.68
N ALA H 108 37.29 -12.72 15.39
CA ALA H 108 36.82 -13.65 14.36
C ALA H 108 37.07 -13.11 12.96
N GLY H 109 37.51 -11.85 12.88
CA GLY H 109 37.84 -11.24 11.61
C GLY H 109 36.89 -10.17 11.12
N LEU H 110 35.86 -9.88 11.90
CA LEU H 110 34.92 -8.82 11.55
C LEU H 110 35.50 -7.44 11.91
N LYS H 111 35.26 -6.46 11.03
CA LYS H 111 35.59 -5.08 11.33
C LYS H 111 34.51 -4.51 12.24
N ILE H 112 34.91 -3.62 13.14
CA ILE H 112 33.96 -3.03 14.07
C ILE H 112 33.72 -1.57 13.72
N GLY H 113 32.44 -1.22 13.54
CA GLY H 113 32.04 0.14 13.21
C GLY H 113 31.61 0.92 14.44
N ARG H 114 30.61 1.78 14.28
CA ARG H 114 30.02 2.51 15.39
C ARG H 114 29.52 1.58 16.51
N VAL H 115 29.75 2.00 17.75
CA VAL H 115 29.25 1.27 18.91
C VAL H 115 28.30 2.16 19.71
N GLU H 116 27.03 1.77 19.76
CA GLU H 116 26.03 2.58 20.43
C GLU H 116 25.41 1.78 21.57
N ASP H 117 25.20 2.41 22.70
CA ASP H 117 24.50 1.76 23.80
C ASP H 117 23.03 2.16 23.70
N VAL H 118 22.23 1.19 23.29
CA VAL H 118 20.77 1.33 23.15
C VAL H 118 19.99 0.70 24.30
N THR H 119 20.65 0.42 25.42
CA THR H 119 20.05 -0.30 26.54
C THR H 119 18.66 0.25 26.86
N PRO H 120 17.64 -0.63 26.80
CA PRO H 120 16.24 -0.23 26.90
C PRO H 120 15.80 0.22 28.29
N ILE H 121 15.08 1.32 28.34
CA ILE H 121 14.53 1.81 29.59
C ILE H 121 13.02 1.67 29.54
N PRO H 122 12.47 0.79 30.40
CA PRO H 122 11.02 0.60 30.39
C PRO H 122 10.36 1.90 30.76
N HIS H 123 9.40 2.37 29.97
CA HIS H 123 8.67 3.53 30.43
C HIS H 123 7.21 3.62 30.03
N ASP H 124 6.44 3.97 31.05
CA ASP H 124 5.34 4.91 31.06
C ASP H 124 4.75 4.68 32.44
N GLY H 125 4.26 5.75 33.05
CA GLY H 125 3.82 5.66 34.42
C GLY H 125 4.40 6.96 34.93
N THR H 126 4.81 6.96 36.19
CA THR H 126 5.69 8.01 36.71
C THR H 126 6.96 8.13 35.86
N ARG H 127 7.46 9.36 35.69
CA ARG H 127 8.69 9.60 34.93
C ARG H 127 9.82 10.12 35.83
N PRO H 128 10.88 9.32 35.99
CA PRO H 128 12.11 9.61 36.75
C PRO H 128 13.08 10.52 36.02
N LYS H 129 14.02 11.11 36.74
CA LYS H 129 15.08 11.91 36.11
C LYS H 129 16.43 11.20 36.19
PG ATP I . 13.02 -9.43 -14.20
O1G ATP I . 11.54 -9.74 -14.16
O2G ATP I . 13.55 -9.22 -15.60
O3G ATP I . 13.44 -8.38 -13.21
PB ATP I . 15.27 -11.05 -13.53
O1B ATP I . 15.87 -11.27 -14.91
O2B ATP I . 15.83 -9.99 -12.62
O3B ATP I . 13.69 -10.82 -13.74
PA ATP I . 15.22 -12.56 -11.16
O1A ATP I . 16.51 -12.16 -10.50
O2A ATP I . 13.95 -11.88 -10.76
O3A ATP I . 15.31 -12.45 -12.78
O5' ATP I . 15.03 -14.15 -10.98
C5' ATP I . 13.76 -14.76 -11.17
C4' ATP I . 13.67 -16.00 -10.29
O4' ATP I . 14.71 -16.92 -10.59
C3' ATP I . 13.83 -15.63 -8.82
O3' ATP I . 12.85 -16.35 -8.08
C2' ATP I . 15.23 -16.10 -8.45
O2' ATP I . 15.33 -16.48 -7.08
C1' ATP I . 15.45 -17.26 -9.41
N9 ATP I . 16.88 -17.48 -9.79
C8 ATP I . 17.66 -16.60 -10.43
N7 ATP I . 18.89 -17.11 -10.64
C5 ATP I . 18.91 -18.35 -10.13
C6 ATP I . 19.91 -19.44 -10.03
N6 ATP I . 21.16 -19.29 -10.53
N1 ATP I . 19.51 -20.58 -9.41
C2 ATP I . 18.26 -20.73 -8.92
N3 ATP I . 17.32 -19.78 -8.99
C4 ATP I . 17.58 -18.59 -9.57
MG MG J . 14.80 -8.24 -11.88
MG MG K . 25.28 -25.93 -31.80
PB ADP L . -25.31 37.91 1.86
O1B ADP L . -25.95 38.51 3.09
O2B ADP L . -23.80 37.76 1.93
O3B ADP L . -26.03 36.69 1.33
PA ADP L . -25.99 40.51 0.99
O1A ADP L . -24.91 41.15 1.83
O2A ADP L . -27.44 40.54 1.44
O3A ADP L . -25.53 39.00 0.70
O5' ADP L . -25.89 41.14 -0.48
C5' ADP L . -24.66 41.68 -0.95
C4' ADP L . -24.96 42.70 -2.04
O4' ADP L . -25.87 42.16 -3.00
C3' ADP L . -25.60 43.93 -1.43
O3' ADP L . -24.94 45.10 -1.92
C2' ADP L . -27.03 43.93 -1.93
O2' ADP L . -27.44 45.26 -2.23
C1' ADP L . -26.97 43.08 -3.20
N9 ADP L . -28.24 42.36 -3.47
C8 ADP L . -28.78 41.37 -2.73
N7 ADP L . -29.96 40.95 -3.26
C5 ADP L . -30.19 41.69 -4.37
C6 ADP L . -31.25 41.76 -5.40
N6 ADP L . -32.33 40.95 -5.36
N1 ADP L . -31.09 42.68 -6.39
C2 ADP L . -30.03 43.50 -6.45
N3 ADP L . -29.03 43.48 -5.54
C4 ADP L . -29.05 42.62 -4.49
MG MG M . -24.39 38.80 5.06
MG MG N . -31.19 20.89 -16.16
PG ATP O . -1.81 -13.91 -9.11
O1G ATP O . -2.32 -15.06 -9.95
O2G ATP O . -0.67 -13.17 -9.77
O3G ATP O . -2.87 -12.98 -8.58
PB ATP O . -1.97 -15.63 -6.84
O1B ATP O . -2.94 -14.90 -5.95
O2B ATP O . -2.48 -16.77 -7.68
O3B ATP O . -1.18 -14.56 -7.77
PA ATP O . -0.05 -17.61 -6.32
O1A ATP O . -0.92 -18.83 -6.16
O2A ATP O . 0.63 -17.38 -7.66
O3A ATP O . -0.80 -16.23 -5.92
O5' ATP O . 1.07 -17.69 -5.16
C5' ATP O . 2.24 -16.88 -5.25
C4' ATP O . 3.39 -17.63 -4.57
O4' ATP O . 3.08 -17.90 -3.21
C3' ATP O . 3.64 -18.95 -5.26
O3' ATP O . 5.05 -19.11 -5.43
C2' ATP O . 3.12 -20.00 -4.29
O2' ATP O . 3.96 -21.16 -4.30
C1' ATP O . 3.20 -19.30 -2.94
N9 ATP O . 2.12 -19.75 -2.01
C8 ATP O . 0.79 -19.61 -2.17
N7 ATP O . 0.12 -20.13 -1.12
C5 ATP O . 1.03 -20.62 -0.26
C6 ATP O . 1.00 -21.32 1.05
N6 ATP O . -0.17 -21.59 1.68
N1 ATP O . 2.20 -21.66 1.59
C2 ATP O . 3.37 -21.39 0.99
N3 ATP O . 3.46 -20.77 -0.20
C4 ATP O . 2.35 -20.37 -0.85
MG MG P . -2.79 -16.86 -9.79
MG MG Q . -8.84 -6.12 16.32
PB ADP R . 0.42 -2.71 33.90
O1B ADP R . 0.68 -1.59 32.91
O2B ADP R . 1.63 -3.58 34.15
O3B ADP R . -0.33 -2.26 35.12
PA ADP R . -2.20 -3.63 33.35
O1A ADP R . -2.60 -2.24 32.92
O2A ADP R . -2.60 -4.14 34.73
O3A ADP R . -0.59 -3.73 33.19
O5' ADP R . -2.68 -4.71 32.27
C5' ADP R . -2.65 -4.33 30.88
C4' ADP R . -3.65 -5.15 30.09
O4' ADP R . -3.33 -6.54 30.22
C3' ADP R . -5.06 -4.95 30.63
O3' ADP R . -5.91 -4.62 29.53
C2' ADP R . -5.46 -6.28 31.25
O2' ADP R . -6.80 -6.62 30.88
C1' ADP R . -4.48 -7.29 30.66
N9 ADP R . -4.03 -8.31 31.64
C8 ADP R . -3.30 -8.10 32.75
N7 ADP R . -3.06 -9.26 33.40
C5 ADP R . -3.65 -10.26 32.72
C6 ADP R . -3.79 -11.72 32.85
N6 ADP R . -3.23 -12.39 33.88
N1 ADP R . -4.50 -12.38 31.89
C2 ADP R . -5.06 -11.73 30.86
N3 ADP R . -4.97 -10.40 30.68
C4 ADP R . -4.29 -9.63 31.55
MG MG S . 0.07 -0.28 35.55
MG MG T . 17.31 -21.69 29.69
#